data_2KX4
#
_entry.id   2KX4
#
_entity_poly.entity_id   1
_entity_poly.type   'polypeptide(L)'
_entity_poly.pdbx_seq_one_letter_code
;MADFDNLFDAAIARADETIRGYMGTSATITSGEQSGAVIRGVFDDPENISYAGQGVRVEGSSPSLFVRTDEVRQLRRGDT
LTIGEENFWVDRVSPDDGGSCHLWLGRGVPPAVNRRR
;
_entity_poly.pdbx_strand_id   A
#
# COMPACT_ATOMS: atom_id res chain seq x y z
N MET A 1 1.40 42.37 -52.63
CA MET A 1 2.32 41.26 -52.39
C MET A 1 1.66 40.19 -51.53
N ALA A 2 1.80 38.94 -51.95
CA ALA A 2 1.23 37.82 -51.22
C ALA A 2 1.97 36.52 -51.53
N ASP A 3 1.55 35.43 -50.88
CA ASP A 3 2.18 34.13 -51.08
C ASP A 3 1.24 33.01 -50.65
N PHE A 4 1.72 31.77 -50.76
CA PHE A 4 0.93 30.61 -50.40
C PHE A 4 1.78 29.34 -50.38
N ASP A 5 1.30 28.31 -49.70
CA ASP A 5 2.01 27.04 -49.62
C ASP A 5 1.07 25.90 -49.28
N ASN A 6 1.62 24.71 -49.11
CA ASN A 6 0.82 23.53 -48.79
C ASN A 6 1.64 22.51 -48.01
N LEU A 7 0.98 21.46 -47.54
CA LEU A 7 1.66 20.42 -46.77
C LEU A 7 0.72 19.23 -46.54
N PHE A 8 1.20 18.24 -45.79
CA PHE A 8 0.41 17.06 -45.49
C PHE A 8 0.63 16.62 -44.04
N ASP A 9 -0.07 15.55 -43.64
CA ASP A 9 0.05 15.02 -42.29
C ASP A 9 -0.53 13.61 -42.20
N ALA A 10 -0.46 13.02 -41.02
CA ALA A 10 -0.97 11.68 -40.80
C ALA A 10 -1.83 11.61 -39.55
N ALA A 11 -2.24 10.40 -39.18
CA ALA A 11 -3.07 10.21 -37.99
C ALA A 11 -2.79 8.85 -37.35
N ILE A 12 -2.61 8.85 -36.04
CA ILE A 12 -2.34 7.62 -35.30
C ILE A 12 -3.24 7.51 -34.06
N ALA A 13 -2.76 6.78 -33.06
CA ALA A 13 -3.49 6.59 -31.82
C ALA A 13 -2.56 6.54 -30.62
N ARG A 14 -3.01 7.10 -29.50
CA ARG A 14 -2.21 7.11 -28.28
C ARG A 14 -3.10 6.98 -27.04
N ALA A 15 -2.48 7.04 -25.87
CA ALA A 15 -3.22 6.92 -24.61
C ALA A 15 -2.96 8.12 -23.71
N ASP A 16 -3.46 8.05 -22.48
CA ASP A 16 -3.28 9.13 -21.53
C ASP A 16 -3.00 8.58 -20.13
N GLU A 17 -2.75 9.48 -19.18
CA GLU A 17 -2.48 9.08 -17.81
C GLU A 17 -2.34 10.30 -16.90
N THR A 18 -2.16 10.06 -15.61
CA THR A 18 -2.02 11.14 -14.64
C THR A 18 -0.95 10.82 -13.61
N ILE A 19 -0.31 11.86 -13.08
CA ILE A 19 0.74 11.69 -12.09
C ILE A 19 0.65 12.75 -11.00
N ARG A 20 0.13 12.36 -9.83
CA ARG A 20 -0.01 13.29 -8.71
C ARG A 20 -0.33 12.53 -7.43
N GLY A 21 0.39 12.87 -6.36
CA GLY A 21 0.17 12.21 -5.08
C GLY A 21 1.39 12.27 -4.18
N TYR A 22 1.45 13.30 -3.34
CA TYR A 22 2.57 13.48 -2.42
C TYR A 22 2.12 14.19 -1.15
N MET A 23 1.79 13.40 -0.13
CA MET A 23 1.34 13.96 1.14
C MET A 23 2.03 13.25 2.31
N GLY A 24 1.90 11.93 2.35
CA GLY A 24 2.50 11.16 3.42
C GLY A 24 3.63 10.26 2.92
N THR A 25 3.41 8.96 2.98
CA THR A 25 4.41 8.00 2.53
C THR A 25 4.11 7.51 1.12
N SER A 26 5.15 7.40 0.30
CA SER A 26 5.00 6.95 -1.07
C SER A 26 4.70 5.46 -1.12
N ALA A 27 3.57 5.11 -1.73
CA ALA A 27 3.17 3.71 -1.86
C ALA A 27 2.53 3.44 -3.20
N THR A 28 2.46 2.17 -3.58
CA THR A 28 1.87 1.77 -4.85
C THR A 28 0.84 0.66 -4.66
N ILE A 29 -0.40 1.05 -4.40
CA ILE A 29 -1.48 0.08 -4.20
C ILE A 29 -1.43 -1.02 -5.26
N THR A 30 -1.51 -2.27 -4.82
CA THR A 30 -1.47 -3.40 -5.72
C THR A 30 -2.20 -4.60 -5.11
N SER A 31 -3.45 -4.78 -5.50
CA SER A 31 -4.26 -5.89 -5.01
C SER A 31 -5.02 -6.57 -6.13
N GLY A 32 -4.29 -7.28 -6.99
CA GLY A 32 -4.91 -7.97 -8.10
C GLY A 32 -3.91 -8.74 -8.93
N GLU A 33 -4.41 -9.60 -9.83
CA GLU A 33 -3.55 -10.40 -10.68
C GLU A 33 -2.49 -9.54 -11.36
N GLN A 34 -2.77 -8.24 -11.47
CA GLN A 34 -1.85 -7.31 -12.10
C GLN A 34 -2.36 -5.87 -11.98
N SER A 35 -1.90 -5.17 -10.94
CA SER A 35 -2.32 -3.79 -10.71
C SER A 35 -1.18 -2.97 -10.14
N GLY A 36 -1.32 -1.65 -10.17
CA GLY A 36 -0.29 -0.77 -9.64
C GLY A 36 -0.64 0.70 -9.81
N ALA A 37 -1.34 1.25 -8.83
CA ALA A 37 -1.75 2.65 -8.86
C ALA A 37 -0.93 3.47 -7.88
N VAL A 38 -1.34 4.72 -7.68
CA VAL A 38 -0.65 5.63 -6.76
C VAL A 38 -1.38 5.70 -5.42
N ILE A 39 -0.68 5.34 -4.36
CA ILE A 39 -1.25 5.36 -3.01
C ILE A 39 -0.26 5.91 -2.00
N ARG A 40 -0.79 6.58 -0.98
CA ARG A 40 0.05 7.16 0.07
C ARG A 40 -0.09 6.39 1.38
N GLY A 41 0.59 5.26 1.48
CA GLY A 41 0.52 4.45 2.69
C GLY A 41 1.89 4.12 3.24
N VAL A 42 1.97 3.98 4.57
CA VAL A 42 3.23 3.66 5.22
C VAL A 42 3.08 2.44 6.13
N PHE A 43 4.04 1.52 6.05
CA PHE A 43 4.02 0.32 6.87
C PHE A 43 4.79 0.51 8.16
N ASP A 44 4.15 0.20 9.28
CA ASP A 44 4.79 0.35 10.59
C ASP A 44 4.97 -1.01 11.26
N ASP A 45 6.21 -1.32 11.63
CA ASP A 45 6.52 -2.58 12.28
C ASP A 45 6.77 -2.39 13.77
N PRO A 46 6.52 -3.43 14.56
CA PRO A 46 6.72 -3.40 16.02
C PRO A 46 8.19 -3.35 16.40
N GLU A 47 9.01 -4.12 15.70
CA GLU A 47 10.44 -4.16 15.96
C GLU A 47 11.17 -4.93 14.87
N ASN A 48 11.85 -4.19 13.99
CA ASN A 48 12.60 -4.80 12.90
C ASN A 48 13.53 -5.89 13.42
N ILE A 49 14.02 -5.72 14.65
CA ILE A 49 14.92 -6.68 15.26
C ILE A 49 14.14 -7.76 16.00
N SER A 50 13.99 -8.92 15.36
CA SER A 50 13.28 -10.04 15.95
C SER A 50 13.77 -11.37 15.38
N TYR A 51 13.74 -12.40 16.22
CA TYR A 51 14.19 -13.72 15.80
C TYR A 51 13.41 -14.82 16.53
N ALA A 52 13.72 -16.07 16.21
CA ALA A 52 13.06 -17.20 16.83
C ALA A 52 14.07 -18.17 17.43
N GLY A 53 14.72 -18.96 16.58
CA GLY A 53 15.70 -19.91 17.04
C GLY A 53 15.75 -21.16 16.19
N GLN A 54 15.64 -20.97 14.88
CA GLN A 54 15.66 -22.09 13.95
C GLN A 54 14.64 -23.16 14.33
N GLY A 55 13.55 -22.71 14.97
CA GLY A 55 12.50 -23.63 15.38
C GLY A 55 11.29 -23.58 14.48
N VAL A 56 10.60 -22.44 14.49
CA VAL A 56 9.41 -22.26 13.66
C VAL A 56 9.77 -22.23 12.17
N ARG A 57 8.87 -22.74 11.35
CA ARG A 57 9.08 -22.77 9.91
C ARG A 57 8.45 -21.56 9.23
N VAL A 58 7.36 -21.08 9.81
CA VAL A 58 6.65 -19.92 9.26
C VAL A 58 6.29 -18.93 10.37
N GLU A 59 6.68 -17.68 10.18
CA GLU A 59 6.39 -16.63 11.16
C GLU A 59 5.26 -15.73 10.67
N GLY A 60 4.81 -14.84 11.54
CA GLY A 60 3.74 -13.92 11.19
C GLY A 60 4.06 -12.48 11.55
N SER A 61 3.85 -11.57 10.61
CA SER A 61 4.11 -10.16 10.83
C SER A 61 3.14 -9.28 10.04
N SER A 62 2.43 -8.41 10.74
CA SER A 62 1.47 -7.52 10.11
C SER A 62 1.64 -6.08 10.61
N PRO A 63 2.36 -5.28 9.82
CA PRO A 63 2.61 -3.86 10.16
C PRO A 63 1.36 -3.01 10.07
N SER A 64 1.51 -1.72 10.33
CA SER A 64 0.39 -0.79 10.27
C SER A 64 0.47 0.09 9.02
N LEU A 65 -0.68 0.45 8.49
CA LEU A 65 -0.74 1.29 7.30
C LEU A 65 -1.36 2.66 7.63
N PHE A 66 -0.62 3.72 7.33
CA PHE A 66 -1.09 5.07 7.60
C PHE A 66 -1.57 5.74 6.31
N VAL A 67 -2.88 5.95 6.22
CA VAL A 67 -3.47 6.58 5.04
C VAL A 67 -4.59 7.54 5.44
N ARG A 68 -5.05 8.34 4.48
CA ARG A 68 -6.11 9.30 4.72
C ARG A 68 -7.46 8.75 4.25
N THR A 69 -8.51 9.06 5.01
CA THR A 69 -9.85 8.60 4.68
C THR A 69 -10.11 8.68 3.18
N ASP A 70 -9.72 9.81 2.59
CA ASP A 70 -9.91 10.02 1.16
C ASP A 70 -9.07 9.04 0.35
N GLU A 71 -7.78 8.99 0.65
CA GLU A 71 -6.86 8.10 -0.05
C GLU A 71 -7.35 6.65 0.02
N VAL A 72 -7.87 6.27 1.17
CA VAL A 72 -8.37 4.91 1.38
C VAL A 72 -9.79 4.78 0.83
N ARG A 73 -10.49 5.90 0.72
CA ARG A 73 -11.86 5.89 0.21
C ARG A 73 -11.90 5.50 -1.26
N GLN A 74 -10.95 6.03 -2.03
CA GLN A 74 -10.87 5.74 -3.46
C GLN A 74 -10.75 4.23 -3.70
N LEU A 75 -10.31 3.51 -2.68
CA LEU A 75 -10.15 2.07 -2.78
C LEU A 75 -11.27 1.34 -2.04
N ARG A 76 -11.17 0.01 -2.00
CA ARG A 76 -12.17 -0.80 -1.31
C ARG A 76 -11.60 -1.45 -0.06
N ARG A 77 -12.42 -2.23 0.63
CA ARG A 77 -11.99 -2.91 1.85
C ARG A 77 -11.22 -4.19 1.51
N GLY A 78 -9.95 -4.22 1.89
CA GLY A 78 -9.14 -5.39 1.62
C GLY A 78 -8.11 -5.15 0.52
N ASP A 79 -7.82 -3.87 0.26
CA ASP A 79 -6.85 -3.51 -0.76
C ASP A 79 -5.43 -3.55 -0.23
N THR A 80 -4.64 -4.51 -0.71
CA THR A 80 -3.27 -4.66 -0.27
C THR A 80 -2.32 -3.78 -1.08
N LEU A 81 -1.76 -2.77 -0.44
CA LEU A 81 -0.84 -1.85 -1.11
C LEU A 81 0.60 -2.25 -0.85
N THR A 82 1.39 -2.30 -1.91
CA THR A 82 2.81 -2.67 -1.79
C THR A 82 3.68 -1.43 -1.63
N ILE A 83 4.10 -1.17 -0.40
CA ILE A 83 4.95 -0.01 -0.11
C ILE A 83 6.06 -0.38 0.86
N GLY A 84 7.28 0.01 0.52
CA GLY A 84 8.42 -0.28 1.37
C GLY A 84 8.85 -1.74 1.29
N GLU A 85 7.90 -2.64 1.52
CA GLU A 85 8.18 -4.07 1.46
C GLU A 85 7.38 -4.75 0.36
N GLU A 86 6.11 -5.05 0.67
CA GLU A 86 5.23 -5.70 -0.28
C GLU A 86 3.78 -5.29 -0.07
N ASN A 87 2.95 -5.49 -1.08
CA ASN A 87 1.54 -5.15 -1.00
C ASN A 87 0.90 -5.75 0.26
N PHE A 88 0.31 -4.88 1.07
CA PHE A 88 -0.33 -5.33 2.30
C PHE A 88 -1.73 -4.72 2.44
N TRP A 89 -2.75 -5.57 2.47
CA TRP A 89 -4.12 -5.11 2.60
C TRP A 89 -4.47 -4.84 4.05
N VAL A 90 -5.14 -3.71 4.28
CA VAL A 90 -5.54 -3.32 5.63
C VAL A 90 -6.94 -3.82 5.95
N ASP A 91 -7.14 -4.30 7.18
CA ASP A 91 -8.44 -4.79 7.61
C ASP A 91 -9.48 -3.68 7.59
N ARG A 92 -9.36 -2.75 8.53
CA ARG A 92 -10.30 -1.63 8.62
C ARG A 92 -9.68 -0.47 9.41
N VAL A 93 -9.57 0.69 8.76
CA VAL A 93 -9.01 1.87 9.41
C VAL A 93 -10.07 2.94 9.62
N SER A 94 -10.07 3.54 10.80
CA SER A 94 -11.04 4.58 11.13
C SER A 94 -10.34 5.81 11.71
N PRO A 95 -10.17 6.85 10.88
CA PRO A 95 -9.52 8.09 11.28
C PRO A 95 -10.37 8.89 12.27
N ASP A 96 -9.82 10.01 12.72
CA ASP A 96 -10.53 10.87 13.67
C ASP A 96 -10.71 12.28 13.09
N ASP A 97 -9.74 12.70 12.29
CA ASP A 97 -9.78 14.02 11.67
C ASP A 97 -8.54 14.28 10.84
N GLY A 98 -8.73 14.82 9.64
CA GLY A 98 -7.62 15.10 8.75
C GLY A 98 -7.05 13.84 8.11
N GLY A 99 -7.94 12.95 7.69
CA GLY A 99 -7.51 11.71 7.07
C GLY A 99 -6.33 11.08 7.78
N SER A 100 -6.60 10.48 8.94
CA SER A 100 -5.56 9.84 9.73
C SER A 100 -5.98 8.43 10.16
N CYS A 101 -5.93 7.49 9.22
CA CYS A 101 -6.30 6.11 9.51
C CYS A 101 -5.07 5.22 9.65
N HIS A 102 -5.17 4.20 10.48
CA HIS A 102 -4.07 3.28 10.70
C HIS A 102 -4.58 1.94 11.24
N LEU A 103 -4.24 0.86 10.53
CA LEU A 103 -4.67 -0.48 10.94
C LEU A 103 -3.67 -1.52 10.46
N TRP A 104 -3.51 -2.58 11.25
CA TRP A 104 -2.59 -3.65 10.91
C TRP A 104 -3.06 -4.40 9.66
N LEU A 105 -2.32 -4.24 8.57
CA LEU A 105 -2.66 -4.89 7.32
C LEU A 105 -1.97 -6.24 7.20
N GLY A 106 -2.47 -7.09 6.30
CA GLY A 106 -1.88 -8.40 6.11
C GLY A 106 -0.78 -8.40 5.07
N ARG A 107 0.07 -9.41 5.12
CA ARG A 107 1.19 -9.52 4.17
C ARG A 107 0.67 -9.84 2.77
N GLY A 108 1.49 -9.53 1.77
CA GLY A 108 1.10 -9.79 0.39
C GLY A 108 2.21 -9.49 -0.60
N VAL A 109 2.75 -10.54 -1.21
CA VAL A 109 3.83 -10.38 -2.17
C VAL A 109 3.30 -10.46 -3.60
N PRO A 110 3.72 -9.50 -4.44
CA PRO A 110 3.31 -9.43 -5.85
C PRO A 110 3.91 -10.56 -6.68
N PRO A 111 3.39 -10.73 -7.90
CA PRO A 111 3.86 -11.77 -8.83
C PRO A 111 5.27 -11.49 -9.35
N ALA A 112 5.79 -10.31 -9.04
CA ALA A 112 7.13 -9.93 -9.47
C ALA A 112 8.17 -10.89 -8.94
N VAL A 113 9.35 -10.89 -9.55
CA VAL A 113 10.44 -11.77 -9.14
C VAL A 113 11.35 -11.07 -8.14
N ASN A 114 11.54 -11.70 -6.99
CA ASN A 114 12.39 -11.14 -5.95
C ASN A 114 13.41 -12.16 -5.47
N ARG A 115 14.60 -11.69 -5.10
CA ARG A 115 15.66 -12.57 -4.63
C ARG A 115 15.48 -12.89 -3.15
N ARG A 116 15.60 -14.16 -2.80
CA ARG A 116 15.46 -14.59 -1.41
C ARG A 116 16.81 -14.96 -0.81
N ARG A 117 17.02 -14.55 0.44
CA ARG A 117 18.28 -14.82 1.13
C ARG A 117 18.61 -16.31 1.07
N MET A 1 11.23 37.73 -30.66
CA MET A 1 12.46 38.11 -29.97
C MET A 1 12.73 37.19 -28.78
N ALA A 2 12.67 35.89 -29.03
CA ALA A 2 12.90 34.90 -27.97
C ALA A 2 12.91 33.48 -28.54
N ASP A 3 13.20 32.51 -27.69
CA ASP A 3 13.23 31.12 -28.11
C ASP A 3 13.46 30.20 -26.91
N PHE A 4 13.31 28.90 -27.12
CA PHE A 4 13.50 27.91 -26.07
C PHE A 4 13.75 26.52 -26.65
N ASP A 5 13.98 25.55 -25.78
CA ASP A 5 14.23 24.18 -26.20
C ASP A 5 14.34 23.25 -25.00
N ASN A 6 14.53 21.96 -25.27
CA ASN A 6 14.66 20.97 -24.20
C ASN A 6 15.30 19.69 -24.73
N LEU A 7 15.59 18.76 -23.82
CA LEU A 7 16.21 17.50 -24.19
C LEU A 7 16.08 16.48 -23.06
N PHE A 8 16.46 15.24 -23.34
CA PHE A 8 16.40 14.18 -22.36
C PHE A 8 17.02 12.89 -22.89
N ASP A 9 17.58 12.09 -21.99
CA ASP A 9 18.21 10.83 -22.38
C ASP A 9 18.18 9.83 -21.22
N ALA A 10 18.28 8.55 -21.54
CA ALA A 10 18.27 7.50 -20.54
C ALA A 10 18.50 6.13 -21.16
N ALA A 11 18.95 5.18 -20.35
CA ALA A 11 19.21 3.82 -20.82
C ALA A 11 17.91 3.10 -21.15
N ILE A 12 18.04 1.90 -21.71
CA ILE A 12 16.87 1.11 -22.07
C ILE A 12 15.94 0.91 -20.88
N ALA A 13 16.34 0.05 -19.96
CA ALA A 13 15.54 -0.22 -18.77
C ALA A 13 14.11 -0.59 -19.13
N ARG A 14 13.96 -1.53 -20.07
CA ARG A 14 12.65 -1.97 -20.51
C ARG A 14 11.80 -2.43 -19.32
N ALA A 15 10.84 -1.60 -18.94
CA ALA A 15 9.97 -1.93 -17.81
C ALA A 15 8.84 -0.91 -17.69
N ASP A 16 7.87 -1.20 -16.84
CA ASP A 16 6.73 -0.31 -16.62
C ASP A 16 7.20 1.03 -16.05
N GLU A 17 6.28 1.97 -15.94
CA GLU A 17 6.59 3.30 -15.41
C GLU A 17 5.53 3.76 -14.43
N THR A 18 5.80 4.87 -13.75
CA THR A 18 4.86 5.43 -12.78
C THR A 18 5.07 6.93 -12.61
N ILE A 19 4.24 7.54 -11.77
CA ILE A 19 4.33 8.98 -11.51
C ILE A 19 3.64 9.35 -10.22
N ARG A 20 4.43 9.74 -9.22
CA ARG A 20 3.89 10.13 -7.92
C ARG A 20 4.72 11.24 -7.30
N GLY A 21 4.36 11.63 -6.08
CA GLY A 21 5.09 12.68 -5.39
C GLY A 21 4.17 13.59 -4.59
N TYR A 22 3.90 13.21 -3.34
CA TYR A 22 3.03 13.99 -2.48
C TYR A 22 3.37 13.75 -1.01
N MET A 23 2.58 14.36 -0.12
CA MET A 23 2.80 14.21 1.31
C MET A 23 2.67 12.75 1.74
N GLY A 24 2.69 12.51 3.04
CA GLY A 24 2.57 11.16 3.55
C GLY A 24 3.69 10.25 3.05
N THR A 25 3.45 8.94 3.11
CA THR A 25 4.44 7.97 2.65
C THR A 25 4.14 7.50 1.24
N SER A 26 5.19 7.39 0.43
CA SER A 26 5.05 6.95 -0.96
C SER A 26 4.73 5.46 -1.02
N ALA A 27 3.60 5.14 -1.66
CA ALA A 27 3.18 3.75 -1.79
C ALA A 27 2.52 3.50 -3.15
N THR A 28 2.43 2.23 -3.53
CA THR A 28 1.83 1.87 -4.81
C THR A 28 0.78 0.78 -4.62
N ILE A 29 -0.46 1.18 -4.35
CA ILE A 29 -1.54 0.23 -4.17
C ILE A 29 -1.51 -0.87 -5.21
N THR A 30 -1.60 -2.12 -4.76
CA THR A 30 -1.58 -3.26 -5.66
C THR A 30 -2.34 -4.45 -5.06
N SER A 31 -3.59 -4.60 -5.46
CA SER A 31 -4.42 -5.69 -4.96
C SER A 31 -5.19 -6.35 -6.10
N GLY A 32 -4.48 -7.07 -6.96
CA GLY A 32 -5.12 -7.74 -8.07
C GLY A 32 -4.13 -8.52 -8.92
N GLU A 33 -4.66 -9.37 -9.81
CA GLU A 33 -3.82 -10.18 -10.68
C GLU A 33 -2.75 -9.33 -11.35
N GLN A 34 -3.01 -8.03 -11.46
CA GLN A 34 -2.07 -7.10 -12.08
C GLN A 34 -2.55 -5.67 -11.95
N SER A 35 -2.07 -4.98 -10.91
CA SER A 35 -2.46 -3.59 -10.67
C SER A 35 -1.30 -2.80 -10.09
N GLY A 36 -1.42 -1.48 -10.10
CA GLY A 36 -0.37 -0.63 -9.58
C GLY A 36 -0.69 0.84 -9.73
N ALA A 37 -1.37 1.41 -8.75
CA ALA A 37 -1.73 2.82 -8.77
C ALA A 37 -0.92 3.62 -7.77
N VAL A 38 -1.30 4.89 -7.58
CA VAL A 38 -0.59 5.76 -6.64
C VAL A 38 -1.32 5.83 -5.31
N ILE A 39 -0.64 5.43 -4.24
CA ILE A 39 -1.22 5.45 -2.90
C ILE A 39 -0.23 5.97 -1.87
N ARG A 40 -0.76 6.61 -0.83
CA ARG A 40 0.09 7.16 0.22
C ARG A 40 -0.06 6.37 1.51
N GLY A 41 0.63 5.23 1.58
CA GLY A 41 0.56 4.40 2.77
C GLY A 41 1.95 4.07 3.32
N VAL A 42 2.02 3.92 4.64
CA VAL A 42 3.28 3.59 5.30
C VAL A 42 3.15 2.37 6.19
N PHE A 43 4.16 1.50 6.16
CA PHE A 43 4.15 0.29 6.97
C PHE A 43 5.02 0.46 8.21
N ASP A 44 4.45 0.15 9.37
CA ASP A 44 5.16 0.26 10.64
C ASP A 44 5.59 -1.11 11.14
N ASP A 45 6.88 -1.26 11.40
CA ASP A 45 7.41 -2.53 11.88
C ASP A 45 7.96 -2.38 13.30
N PRO A 46 7.23 -2.90 14.29
CA PRO A 46 7.61 -2.83 15.70
C PRO A 46 8.82 -3.70 16.01
N GLU A 47 8.80 -4.94 15.52
CA GLU A 47 9.89 -5.87 15.74
C GLU A 47 9.89 -6.99 14.69
N ASN A 48 10.69 -6.81 13.65
CA ASN A 48 10.77 -7.78 12.57
C ASN A 48 11.47 -9.06 13.05
N ILE A 49 10.68 -9.99 13.59
CA ILE A 49 11.23 -11.25 14.08
C ILE A 49 10.11 -12.20 14.49
N SER A 50 10.25 -13.47 14.12
CA SER A 50 9.26 -14.48 14.44
C SER A 50 9.64 -15.22 15.72
N TYR A 51 8.77 -15.16 16.72
CA TYR A 51 9.01 -15.83 17.99
C TYR A 51 9.00 -17.34 17.83
N ALA A 52 7.80 -17.90 17.67
CA ALA A 52 7.64 -19.34 17.49
C ALA A 52 6.18 -19.71 17.27
N GLY A 53 5.92 -21.00 17.10
CA GLY A 53 4.56 -21.47 16.89
C GLY A 53 4.48 -22.97 16.69
N GLN A 54 3.51 -23.60 17.33
CA GLN A 54 3.33 -25.04 17.21
C GLN A 54 1.96 -25.47 17.75
N GLY A 55 1.50 -26.64 17.31
CA GLY A 55 0.22 -27.13 17.75
C GLY A 55 -0.94 -26.27 17.27
N VAL A 56 -1.33 -25.30 18.08
CA VAL A 56 -2.43 -24.40 17.73
C VAL A 56 -1.92 -22.98 17.46
N ARG A 57 -2.00 -22.57 16.20
CA ARG A 57 -1.55 -21.24 15.81
C ARG A 57 -2.74 -20.30 15.63
N VAL A 58 -2.96 -19.44 16.62
CA VAL A 58 -4.07 -18.48 16.57
C VAL A 58 -3.57 -17.07 16.85
N GLU A 59 -2.29 -16.83 16.61
CA GLU A 59 -1.70 -15.52 16.83
C GLU A 59 -1.12 -14.95 15.53
N GLY A 60 -1.29 -13.65 15.34
CA GLY A 60 -0.77 -13.01 14.14
C GLY A 60 -0.06 -11.69 14.45
N SER A 61 1.02 -11.43 13.71
CA SER A 61 1.78 -10.21 13.91
C SER A 61 2.06 -9.52 12.58
N SER A 62 1.46 -8.35 12.39
CA SER A 62 1.63 -7.58 11.15
C SER A 62 1.97 -6.13 11.47
N PRO A 63 2.55 -5.44 10.47
CA PRO A 63 2.94 -4.03 10.60
C PRO A 63 1.74 -3.10 10.68
N SER A 64 2.01 -1.81 10.79
CA SER A 64 0.94 -0.81 10.88
C SER A 64 0.83 -0.02 9.57
N LEU A 65 -0.39 0.37 9.23
CA LEU A 65 -0.64 1.13 8.02
C LEU A 65 -1.16 2.53 8.34
N PHE A 66 -0.56 3.53 7.71
CA PHE A 66 -0.95 4.91 7.93
C PHE A 66 -1.41 5.57 6.63
N VAL A 67 -2.72 5.76 6.50
CA VAL A 67 -3.29 6.37 5.31
C VAL A 67 -4.49 7.24 5.65
N ARG A 68 -5.00 7.97 4.65
CA ARG A 68 -6.14 8.84 4.86
C ARG A 68 -7.41 8.24 4.24
N THR A 69 -8.53 8.44 4.90
CA THR A 69 -9.81 7.92 4.42
C THR A 69 -9.93 8.08 2.90
N ASP A 70 -9.66 9.28 2.43
CA ASP A 70 -9.75 9.57 1.00
C ASP A 70 -8.90 8.58 0.20
N GLU A 71 -7.64 8.42 0.59
CA GLU A 71 -6.74 7.50 -0.09
C GLU A 71 -7.35 6.11 -0.20
N VAL A 72 -8.03 5.69 0.87
CA VAL A 72 -8.67 4.38 0.90
C VAL A 72 -9.98 4.39 0.12
N ARG A 73 -10.66 5.52 0.13
CA ARG A 73 -11.94 5.66 -0.57
C ARG A 73 -11.77 5.34 -2.05
N GLN A 74 -10.65 5.78 -2.62
CA GLN A 74 -10.38 5.53 -4.04
C GLN A 74 -10.43 4.05 -4.35
N LEU A 75 -10.25 3.22 -3.33
CA LEU A 75 -10.28 1.77 -3.50
C LEU A 75 -11.39 1.15 -2.67
N ARG A 76 -11.33 -0.17 -2.51
CA ARG A 76 -12.32 -0.89 -1.74
C ARG A 76 -11.70 -1.53 -0.50
N ARG A 77 -12.54 -2.08 0.37
CA ARG A 77 -12.08 -2.72 1.59
C ARG A 77 -11.20 -3.92 1.27
N GLY A 78 -10.05 -4.00 1.93
CA GLY A 78 -9.14 -5.11 1.70
C GLY A 78 -8.10 -4.80 0.64
N ASP A 79 -7.92 -3.51 0.35
CA ASP A 79 -6.96 -3.08 -0.66
C ASP A 79 -5.53 -3.21 -0.14
N THR A 80 -4.82 -4.21 -0.63
CA THR A 80 -3.44 -4.44 -0.20
C THR A 80 -2.46 -3.60 -1.03
N LEU A 81 -1.88 -2.60 -0.39
CA LEU A 81 -0.93 -1.71 -1.06
C LEU A 81 0.51 -2.15 -0.78
N THR A 82 1.31 -2.22 -1.83
CA THR A 82 2.71 -2.62 -1.70
C THR A 82 3.62 -1.40 -1.53
N ILE A 83 4.04 -1.15 -0.30
CA ILE A 83 4.92 -0.02 -0.01
C ILE A 83 6.01 -0.41 0.98
N GLY A 84 7.25 -0.06 0.66
CA GLY A 84 8.36 -0.38 1.53
C GLY A 84 8.73 -1.86 1.48
N GLU A 85 7.74 -2.72 1.64
CA GLU A 85 7.97 -4.16 1.62
C GLU A 85 7.18 -4.83 0.50
N GLU A 86 5.90 -5.05 0.74
CA GLU A 86 5.03 -5.69 -0.24
C GLU A 86 3.57 -5.27 -0.03
N ASN A 87 2.76 -5.45 -1.07
CA ASN A 87 1.35 -5.09 -1.00
C ASN A 87 0.70 -5.67 0.25
N PHE A 88 0.14 -4.79 1.08
CA PHE A 88 -0.51 -5.22 2.31
C PHE A 88 -1.90 -4.58 2.45
N TRP A 89 -2.93 -5.41 2.52
CA TRP A 89 -4.29 -4.92 2.65
C TRP A 89 -4.64 -4.63 4.11
N VAL A 90 -5.30 -3.50 4.34
CA VAL A 90 -5.68 -3.09 5.69
C VAL A 90 -7.02 -3.71 6.08
N ASP A 91 -7.11 -4.18 7.33
CA ASP A 91 -8.34 -4.77 7.82
C ASP A 91 -9.43 -3.73 8.00
N ARG A 92 -9.05 -2.56 8.53
CA ARG A 92 -10.00 -1.48 8.75
C ARG A 92 -9.27 -0.15 8.88
N VAL A 93 -9.83 0.90 8.28
CA VAL A 93 -9.23 2.22 8.33
C VAL A 93 -10.25 3.25 8.81
N SER A 94 -10.02 3.79 10.00
CA SER A 94 -10.91 4.79 10.58
C SER A 94 -10.14 6.03 11.01
N PRO A 95 -10.33 7.14 10.27
CA PRO A 95 -9.66 8.41 10.56
C PRO A 95 -10.17 9.05 11.84
N ASP A 96 -9.34 9.91 12.43
CA ASP A 96 -9.71 10.60 13.66
C ASP A 96 -9.84 12.10 13.42
N ASP A 97 -9.16 12.59 12.40
CA ASP A 97 -9.21 14.02 12.06
C ASP A 97 -8.32 14.32 10.86
N GLY A 98 -8.92 14.28 9.67
CA GLY A 98 -8.16 14.56 8.45
C GLY A 98 -7.49 13.32 7.90
N GLY A 99 -8.29 12.30 7.58
CA GLY A 99 -7.76 11.07 7.05
C GLY A 99 -6.50 10.62 7.76
N SER A 100 -6.68 9.96 8.91
CA SER A 100 -5.55 9.48 9.69
C SER A 100 -5.70 8.00 10.01
N CYS A 101 -6.72 7.38 9.42
CA CYS A 101 -6.98 5.96 9.64
C CYS A 101 -5.67 5.16 9.62
N HIS A 102 -5.59 4.15 10.48
CA HIS A 102 -4.40 3.31 10.56
C HIS A 102 -4.71 1.98 11.25
N LEU A 103 -4.39 0.89 10.58
CA LEU A 103 -4.64 -0.45 11.14
C LEU A 103 -3.64 -1.45 10.58
N TRP A 104 -3.43 -2.53 11.33
CA TRP A 104 -2.50 -3.58 10.92
C TRP A 104 -3.01 -4.30 9.67
N LEU A 105 -2.32 -4.11 8.57
CA LEU A 105 -2.69 -4.73 7.31
C LEU A 105 -2.08 -6.13 7.18
N GLY A 106 -2.62 -6.94 6.28
CA GLY A 106 -2.11 -8.28 6.07
C GLY A 106 -0.99 -8.32 5.05
N ARG A 107 -0.20 -9.39 5.08
CA ARG A 107 0.91 -9.55 4.15
C ARG A 107 0.40 -9.79 2.73
N GLY A 108 1.24 -9.51 1.75
CA GLY A 108 0.86 -9.70 0.36
C GLY A 108 2.01 -9.47 -0.60
N VAL A 109 2.53 -10.55 -1.16
CA VAL A 109 3.64 -10.47 -2.10
C VAL A 109 3.15 -10.34 -3.54
N PRO A 110 3.74 -9.40 -4.28
CA PRO A 110 3.37 -9.16 -5.68
C PRO A 110 3.79 -10.30 -6.61
N PRO A 111 3.28 -10.28 -7.84
CA PRO A 111 3.59 -11.30 -8.84
C PRO A 111 5.03 -11.23 -9.33
N ALA A 112 5.46 -10.02 -9.69
CA ALA A 112 6.82 -9.82 -10.18
C ALA A 112 7.65 -9.03 -9.16
N VAL A 113 8.97 -9.12 -9.29
CA VAL A 113 9.87 -8.42 -8.39
C VAL A 113 10.27 -7.05 -8.95
N ASN A 114 10.30 -6.05 -8.08
CA ASN A 114 10.68 -4.70 -8.49
C ASN A 114 11.78 -4.14 -7.60
N ARG A 115 12.66 -3.33 -8.18
CA ARG A 115 13.75 -2.72 -7.44
C ARG A 115 13.28 -1.49 -6.69
N ARG A 116 13.10 -1.63 -5.38
CA ARG A 116 12.66 -0.51 -4.55
C ARG A 116 13.84 0.18 -3.90
N ARG A 117 13.86 1.51 -3.97
CA ARG A 117 14.95 2.29 -3.39
C ARG A 117 14.91 2.24 -1.87
N MET A 1 11.10 -12.60 19.98
CA MET A 1 11.33 -12.69 21.42
C MET A 1 10.02 -12.51 22.19
N ALA A 2 9.10 -11.74 21.62
CA ALA A 2 7.82 -11.49 22.24
C ALA A 2 6.89 -10.70 21.32
N ASP A 3 5.70 -10.39 21.81
CA ASP A 3 4.73 -9.63 21.03
C ASP A 3 4.38 -10.37 19.74
N PHE A 4 3.89 -11.60 19.88
CA PHE A 4 3.52 -12.41 18.72
C PHE A 4 2.23 -11.89 18.09
N ASP A 5 1.98 -12.30 16.85
CA ASP A 5 0.79 -11.88 16.13
C ASP A 5 0.21 -13.03 15.32
N ASN A 6 -1.00 -12.83 14.80
CA ASN A 6 -1.67 -13.86 14.00
C ASN A 6 -2.25 -13.26 12.73
N LEU A 7 -2.96 -14.08 11.96
CA LEU A 7 -3.58 -13.64 10.72
C LEU A 7 -5.09 -13.53 10.88
N PHE A 8 -5.77 -13.15 9.80
CA PHE A 8 -7.21 -13.00 9.80
C PHE A 8 -7.76 -12.87 8.39
N ASP A 9 -9.06 -12.63 8.28
CA ASP A 9 -9.71 -12.47 6.98
C ASP A 9 -10.01 -11.01 6.69
N ALA A 10 -10.44 -10.72 5.46
CA ALA A 10 -10.75 -9.36 5.05
C ALA A 10 -12.25 -9.21 4.76
N ALA A 11 -12.62 -8.08 4.20
CA ALA A 11 -14.02 -7.80 3.87
C ALA A 11 -14.22 -7.78 2.37
N ILE A 12 -15.48 -7.59 1.95
CA ILE A 12 -15.81 -7.55 0.53
C ILE A 12 -16.85 -6.47 0.24
N ALA A 13 -16.42 -5.21 0.29
CA ALA A 13 -17.31 -4.09 0.04
C ALA A 13 -16.55 -2.89 -0.51
N ARG A 14 -17.19 -2.11 -1.38
CA ARG A 14 -16.57 -0.94 -1.97
C ARG A 14 -17.46 0.28 -1.81
N ALA A 15 -16.96 1.44 -2.25
CA ALA A 15 -17.71 2.68 -2.15
C ALA A 15 -17.26 3.67 -3.22
N ASP A 16 -17.75 4.91 -3.11
CA ASP A 16 -17.39 5.95 -4.07
C ASP A 16 -15.89 6.23 -4.04
N GLU A 17 -15.48 7.28 -4.74
CA GLU A 17 -14.07 7.65 -4.80
C GLU A 17 -13.90 9.17 -4.80
N THR A 18 -12.65 9.62 -4.78
CA THR A 18 -12.36 11.06 -4.77
C THR A 18 -11.05 11.35 -5.49
N ILE A 19 -10.73 12.63 -5.62
CA ILE A 19 -9.50 13.05 -6.29
C ILE A 19 -8.74 14.07 -5.44
N ARG A 20 -7.76 13.59 -4.68
CA ARG A 20 -6.96 14.46 -3.83
C ARG A 20 -5.86 13.66 -3.13
N GLY A 21 -5.08 14.35 -2.31
CA GLY A 21 -4.00 13.69 -1.58
C GLY A 21 -3.27 14.64 -0.64
N TYR A 22 -2.18 14.16 -0.06
CA TYR A 22 -1.39 14.96 0.87
C TYR A 22 -0.01 14.36 1.08
N MET A 23 0.71 14.88 2.06
CA MET A 23 2.05 14.39 2.38
C MET A 23 1.98 13.15 3.25
N GLY A 24 2.97 12.26 3.09
CA GLY A 24 3.00 11.04 3.88
C GLY A 24 4.07 10.08 3.41
N THR A 25 3.66 8.87 3.03
CA THR A 25 4.59 7.86 2.56
C THR A 25 4.23 7.38 1.16
N SER A 26 5.23 7.31 0.29
CA SER A 26 5.01 6.87 -1.09
C SER A 26 4.72 5.37 -1.14
N ALA A 27 3.58 5.02 -1.72
CA ALA A 27 3.18 3.63 -1.84
C ALA A 27 2.53 3.36 -3.19
N THR A 28 2.45 2.09 -3.56
CA THR A 28 1.86 1.69 -4.84
C THR A 28 0.81 0.59 -4.64
N ILE A 29 -0.42 1.00 -4.40
CA ILE A 29 -1.51 0.05 -4.20
C ILE A 29 -1.48 -1.06 -5.24
N THR A 30 -1.54 -2.30 -4.78
CA THR A 30 -1.52 -3.45 -5.67
C THR A 30 -2.25 -4.64 -5.05
N SER A 31 -3.49 -4.84 -5.44
CA SER A 31 -4.29 -5.94 -4.93
C SER A 31 -5.11 -6.60 -6.04
N GLY A 32 -4.42 -7.31 -6.92
CA GLY A 32 -5.09 -7.98 -8.03
C GLY A 32 -4.12 -8.76 -8.90
N GLU A 33 -4.67 -9.60 -9.78
CA GLU A 33 -3.86 -10.41 -10.67
C GLU A 33 -2.81 -9.56 -11.37
N GLN A 34 -3.07 -8.26 -11.47
CA GLN A 34 -2.14 -7.34 -12.11
C GLN A 34 -2.62 -5.90 -11.97
N SER A 35 -2.12 -5.21 -10.95
CA SER A 35 -2.50 -3.82 -10.71
C SER A 35 -1.32 -3.02 -10.16
N GLY A 36 -1.46 -1.69 -10.17
CA GLY A 36 -0.39 -0.83 -9.68
C GLY A 36 -0.72 0.63 -9.82
N ALA A 37 -1.38 1.19 -8.81
CA ALA A 37 -1.76 2.60 -8.82
C ALA A 37 -0.95 3.40 -7.81
N VAL A 38 -1.30 4.67 -7.64
CA VAL A 38 -0.60 5.54 -6.71
C VAL A 38 -1.33 5.61 -5.38
N ILE A 39 -0.65 5.24 -4.30
CA ILE A 39 -1.23 5.27 -2.96
C ILE A 39 -0.25 5.82 -1.95
N ARG A 40 -0.77 6.46 -0.91
CA ARG A 40 0.06 7.04 0.14
C ARG A 40 -0.08 6.25 1.44
N GLY A 41 0.62 5.14 1.54
CA GLY A 41 0.56 4.31 2.72
C GLY A 41 1.94 3.97 3.26
N VAL A 42 2.04 3.83 4.58
CA VAL A 42 3.31 3.51 5.22
C VAL A 42 3.17 2.29 6.13
N PHE A 43 4.14 1.39 6.06
CA PHE A 43 4.12 0.18 6.88
C PHE A 43 4.91 0.38 8.16
N ASP A 44 4.30 0.02 9.28
CA ASP A 44 4.94 0.16 10.59
C ASP A 44 5.14 -1.20 11.25
N ASP A 45 6.38 -1.50 11.61
CA ASP A 45 6.71 -2.76 12.25
C ASP A 45 7.35 -2.53 13.61
N PRO A 46 7.15 -3.49 14.54
CA PRO A 46 7.71 -3.41 15.89
C PRO A 46 9.23 -3.59 15.90
N GLU A 47 9.71 -4.51 15.07
CA GLU A 47 11.14 -4.78 14.98
C GLU A 47 11.48 -5.50 13.68
N ASN A 48 11.90 -4.74 12.68
CA ASN A 48 12.25 -5.31 11.39
C ASN A 48 13.26 -6.44 11.54
N ILE A 49 12.79 -7.67 11.36
CA ILE A 49 13.66 -8.84 11.48
C ILE A 49 14.65 -8.91 10.33
N SER A 50 15.82 -9.48 10.60
CA SER A 50 16.86 -9.61 9.59
C SER A 50 17.08 -11.08 9.20
N TYR A 51 17.11 -11.35 7.91
CA TYR A 51 17.30 -12.70 7.41
C TYR A 51 18.76 -13.13 7.56
N ALA A 52 19.04 -14.37 7.18
CA ALA A 52 20.39 -14.91 7.27
C ALA A 52 20.98 -15.14 5.87
N GLY A 53 20.41 -16.10 5.15
CA GLY A 53 20.89 -16.40 3.81
C GLY A 53 19.96 -17.35 3.07
N GLN A 54 20.47 -18.54 2.75
CA GLN A 54 19.69 -19.54 2.04
C GLN A 54 18.80 -20.31 2.99
N GLY A 55 17.94 -19.61 3.72
CA GLY A 55 17.06 -20.26 4.66
C GLY A 55 15.93 -19.35 5.11
N VAL A 56 14.75 -19.55 4.52
CA VAL A 56 13.58 -18.73 4.86
C VAL A 56 13.17 -18.94 6.32
N ARG A 57 13.10 -17.84 7.07
CA ARG A 57 12.73 -17.90 8.48
C ARG A 57 11.34 -18.50 8.65
N VAL A 58 10.53 -18.43 7.59
CA VAL A 58 9.18 -18.97 7.62
C VAL A 58 8.32 -18.23 8.64
N GLU A 59 8.11 -16.93 8.39
CA GLU A 59 7.30 -16.11 9.27
C GLU A 59 7.03 -14.74 8.65
N GLY A 60 5.86 -14.18 8.96
CA GLY A 60 5.50 -12.88 8.41
C GLY A 60 4.67 -12.07 9.39
N SER A 61 5.18 -10.89 9.75
CA SER A 61 4.47 -10.02 10.68
C SER A 61 3.54 -9.06 9.93
N SER A 62 2.51 -8.58 10.63
CA SER A 62 1.55 -7.67 10.03
C SER A 62 1.75 -6.25 10.55
N PRO A 63 2.47 -5.43 9.77
CA PRO A 63 2.75 -4.04 10.13
C PRO A 63 1.50 -3.16 10.08
N SER A 64 1.68 -1.88 10.35
CA SER A 64 0.56 -0.93 10.34
C SER A 64 0.64 -0.03 9.10
N LEU A 65 -0.54 0.38 8.61
CA LEU A 65 -0.61 1.24 7.44
C LEU A 65 -1.15 2.61 7.81
N PHE A 66 -0.58 3.65 7.20
CA PHE A 66 -1.00 5.02 7.47
C PHE A 66 -1.52 5.68 6.21
N VAL A 67 -2.84 5.87 6.14
CA VAL A 67 -3.47 6.50 4.99
C VAL A 67 -4.61 7.42 5.41
N ARG A 68 -5.08 8.24 4.48
CA ARG A 68 -6.16 9.16 4.76
C ARG A 68 -7.48 8.66 4.17
N THR A 69 -8.58 8.91 4.87
CA THR A 69 -9.89 8.48 4.43
C THR A 69 -10.05 8.68 2.92
N ASP A 70 -9.67 9.86 2.44
CA ASP A 70 -9.77 10.17 1.02
C ASP A 70 -9.08 9.10 0.18
N GLU A 71 -7.77 8.96 0.38
CA GLU A 71 -6.99 7.97 -0.36
C GLU A 71 -7.61 6.58 -0.25
N VAL A 72 -8.08 6.25 0.95
CA VAL A 72 -8.71 4.96 1.20
C VAL A 72 -10.05 4.84 0.49
N ARG A 73 -10.76 5.97 0.39
CA ARG A 73 -12.06 5.99 -0.27
C ARG A 73 -11.93 5.61 -1.75
N GLN A 74 -10.86 6.09 -2.39
CA GLN A 74 -10.63 5.80 -3.79
C GLN A 74 -10.61 4.30 -4.04
N LEU A 75 -10.34 3.53 -3.00
CA LEU A 75 -10.29 2.08 -3.10
C LEU A 75 -11.43 1.44 -2.31
N ARG A 76 -11.36 0.12 -2.14
CA ARG A 76 -12.38 -0.61 -1.41
C ARG A 76 -11.76 -1.41 -0.26
N ARG A 77 -12.61 -2.14 0.46
CA ARG A 77 -12.15 -2.93 1.59
C ARG A 77 -11.33 -4.13 1.11
N GLY A 78 -10.15 -4.32 1.71
CA GLY A 78 -9.29 -5.42 1.33
C GLY A 78 -8.29 -5.03 0.25
N ASP A 79 -7.79 -3.80 0.33
CA ASP A 79 -6.83 -3.31 -0.64
C ASP A 79 -5.41 -3.40 -0.09
N THR A 80 -4.65 -4.38 -0.59
CA THR A 80 -3.28 -4.58 -0.14
C THR A 80 -2.30 -3.77 -0.99
N LEU A 81 -1.74 -2.72 -0.40
CA LEU A 81 -0.79 -1.87 -1.10
C LEU A 81 0.64 -2.28 -0.79
N THR A 82 1.47 -2.34 -1.83
CA THR A 82 2.88 -2.72 -1.67
C THR A 82 3.77 -1.49 -1.53
N ILE A 83 4.16 -1.19 -0.30
CA ILE A 83 5.02 -0.04 -0.04
C ILE A 83 6.14 -0.40 0.93
N GLY A 84 7.36 -0.01 0.59
CA GLY A 84 8.50 -0.31 1.45
C GLY A 84 8.89 -1.77 1.41
N GLU A 85 7.94 -2.65 1.68
CA GLU A 85 8.19 -4.08 1.68
C GLU A 85 7.39 -4.78 0.58
N GLU A 86 6.14 -5.08 0.87
CA GLU A 86 5.26 -5.74 -0.10
C GLU A 86 3.81 -5.34 0.12
N ASN A 87 2.99 -5.53 -0.92
CA ASN A 87 1.57 -5.18 -0.85
C ASN A 87 0.93 -5.78 0.40
N PHE A 88 0.32 -4.92 1.21
CA PHE A 88 -0.33 -5.37 2.44
C PHE A 88 -1.74 -4.79 2.55
N TRP A 89 -2.74 -5.67 2.60
CA TRP A 89 -4.12 -5.24 2.70
C TRP A 89 -4.47 -4.85 4.14
N VAL A 90 -5.17 -3.74 4.29
CA VAL A 90 -5.56 -3.26 5.61
C VAL A 90 -6.95 -3.79 6.00
N ASP A 91 -7.06 -4.23 7.25
CA ASP A 91 -8.33 -4.76 7.74
C ASP A 91 -9.42 -3.69 7.74
N ARG A 92 -9.30 -2.74 8.67
CA ARG A 92 -10.26 -1.66 8.78
C ARG A 92 -9.67 -0.47 9.54
N VAL A 93 -9.66 0.69 8.88
CA VAL A 93 -9.11 1.89 9.49
C VAL A 93 -10.21 2.93 9.73
N SER A 94 -10.19 3.56 10.90
CA SER A 94 -11.18 4.57 11.25
C SER A 94 -10.51 5.85 11.74
N PRO A 95 -10.41 6.84 10.85
CA PRO A 95 -9.79 8.13 11.17
C PRO A 95 -10.64 8.95 12.14
N ASP A 96 -10.05 10.04 12.66
CA ASP A 96 -10.76 10.90 13.60
C ASP A 96 -10.66 12.36 13.17
N ASP A 97 -10.01 12.60 12.03
CA ASP A 97 -9.85 13.94 11.50
C ASP A 97 -10.04 13.97 9.99
N GLY A 98 -10.86 13.04 9.49
CA GLY A 98 -11.11 12.97 8.06
C GLY A 98 -9.82 12.94 7.25
N GLY A 99 -8.96 11.98 7.54
CA GLY A 99 -7.71 11.86 6.82
C GLY A 99 -6.57 11.38 7.71
N SER A 100 -6.89 10.50 8.65
CA SER A 100 -5.90 9.96 9.57
C SER A 100 -6.28 8.56 10.03
N CYS A 101 -6.18 7.60 9.12
CA CYS A 101 -6.52 6.21 9.44
C CYS A 101 -5.27 5.34 9.47
N HIS A 102 -5.29 4.31 10.31
CA HIS A 102 -4.16 3.40 10.45
C HIS A 102 -4.58 2.09 11.08
N LEU A 103 -4.27 0.99 10.41
CA LEU A 103 -4.63 -0.34 10.91
C LEU A 103 -3.64 -1.39 10.42
N TRP A 104 -3.41 -2.41 11.25
CA TRP A 104 -2.48 -3.48 10.90
C TRP A 104 -2.97 -4.24 9.68
N LEU A 105 -2.22 -4.15 8.59
CA LEU A 105 -2.56 -4.84 7.35
C LEU A 105 -1.89 -6.20 7.27
N GLY A 106 -2.40 -7.07 6.40
CA GLY A 106 -1.83 -8.38 6.23
C GLY A 106 -0.72 -8.41 5.20
N ARG A 107 0.12 -9.44 5.25
CA ARG A 107 1.22 -9.58 4.30
C ARG A 107 0.70 -9.86 2.90
N GLY A 108 1.52 -9.56 1.89
CA GLY A 108 1.13 -9.78 0.52
C GLY A 108 2.24 -9.50 -0.46
N VAL A 109 2.76 -10.55 -1.08
CA VAL A 109 3.86 -10.42 -2.04
C VAL A 109 3.32 -10.08 -3.43
N PRO A 110 3.95 -9.10 -4.08
CA PRO A 110 3.55 -8.67 -5.43
C PRO A 110 3.87 -9.72 -6.50
N PRO A 111 3.36 -9.50 -7.71
CA PRO A 111 3.57 -10.42 -8.84
C PRO A 111 5.01 -10.40 -9.34
N ALA A 112 5.82 -9.52 -8.76
CA ALA A 112 7.22 -9.41 -9.14
C ALA A 112 7.96 -10.74 -8.95
N VAL A 113 9.11 -10.86 -9.59
CA VAL A 113 9.91 -12.08 -9.50
C VAL A 113 10.92 -11.98 -8.36
N ASN A 114 10.81 -12.89 -7.39
CA ASN A 114 11.72 -12.91 -6.25
C ASN A 114 12.31 -14.30 -6.06
N ARG A 115 13.55 -14.35 -5.58
CA ARG A 115 14.23 -15.61 -5.35
C ARG A 115 13.83 -16.21 -4.00
N ARG A 116 12.94 -17.20 -4.04
CA ARG A 116 12.46 -17.85 -2.83
C ARG A 116 12.87 -19.32 -2.82
N ARG A 117 13.28 -19.80 -1.64
CA ARG A 117 13.70 -21.19 -1.49
C ARG A 117 12.65 -22.14 -2.04
N MET A 1 43.05 33.78 0.95
CA MET A 1 41.98 33.98 -0.02
C MET A 1 40.88 32.94 0.15
N ALA A 2 39.78 33.10 -0.57
CA ALA A 2 38.66 32.17 -0.50
C ALA A 2 37.62 32.48 -1.56
N ASP A 3 36.62 31.61 -1.67
CA ASP A 3 35.56 31.78 -2.66
C ASP A 3 34.33 30.97 -2.29
N PHE A 4 33.29 31.05 -3.12
CA PHE A 4 32.06 30.31 -2.87
C PHE A 4 31.09 30.48 -4.04
N ASP A 5 30.18 29.52 -4.18
CA ASP A 5 29.19 29.55 -5.25
C ASP A 5 27.85 29.02 -4.78
N ASN A 6 26.78 29.49 -5.42
CA ASN A 6 25.42 29.07 -5.05
C ASN A 6 24.59 28.82 -6.30
N LEU A 7 24.24 27.55 -6.52
CA LEU A 7 23.44 27.18 -7.68
C LEU A 7 22.17 28.03 -7.77
N PHE A 8 21.54 28.03 -8.93
CA PHE A 8 20.32 28.80 -9.14
C PHE A 8 19.19 27.91 -9.66
N ASP A 9 18.15 27.75 -8.86
CA ASP A 9 17.01 26.92 -9.24
C ASP A 9 16.20 27.60 -10.35
N ALA A 10 16.64 27.41 -11.59
CA ALA A 10 15.96 28.00 -12.74
C ALA A 10 15.38 26.91 -13.64
N ALA A 11 14.26 27.23 -14.29
CA ALA A 11 13.61 26.28 -15.19
C ALA A 11 14.30 26.23 -16.54
N ILE A 12 15.07 25.18 -16.77
CA ILE A 12 15.79 25.01 -18.03
C ILE A 12 15.43 23.69 -18.70
N ALA A 13 14.17 23.57 -19.11
CA ALA A 13 13.69 22.36 -19.77
C ALA A 13 12.29 22.55 -20.31
N ARG A 14 12.12 22.31 -21.62
CA ARG A 14 10.82 22.44 -22.26
C ARG A 14 10.07 21.12 -22.27
N ALA A 15 9.77 20.61 -21.08
CA ALA A 15 9.05 19.35 -20.95
C ALA A 15 7.94 19.46 -19.91
N ASP A 16 7.27 18.34 -19.66
CA ASP A 16 6.19 18.31 -18.68
C ASP A 16 6.63 17.63 -17.39
N GLU A 17 6.72 18.41 -16.32
CA GLU A 17 7.14 17.88 -15.02
C GLU A 17 6.23 18.38 -13.91
N THR A 18 6.22 17.66 -12.79
CA THR A 18 5.38 18.02 -11.65
C THR A 18 5.93 17.44 -10.36
N ILE A 19 5.32 17.81 -9.24
CA ILE A 19 5.75 17.31 -7.94
C ILE A 19 4.56 16.87 -7.09
N ARG A 20 4.43 15.56 -6.89
CA ARG A 20 3.34 15.01 -6.11
C ARG A 20 3.77 14.77 -4.67
N GLY A 21 2.85 15.01 -3.73
CA GLY A 21 3.15 14.81 -2.32
C GLY A 21 2.18 15.53 -1.41
N TYR A 22 1.47 14.76 -0.59
CA TYR A 22 0.49 15.33 0.33
C TYR A 22 0.61 14.70 1.71
N MET A 23 0.55 13.36 1.74
CA MET A 23 0.64 12.63 3.00
C MET A 23 2.10 12.49 3.43
N GLY A 24 2.91 11.85 2.59
CA GLY A 24 4.31 11.66 2.91
C GLY A 24 4.73 10.21 2.81
N THR A 25 3.75 9.31 2.82
CA THR A 25 4.03 7.88 2.73
C THR A 25 3.95 7.38 1.28
N SER A 26 5.10 7.08 0.70
CA SER A 26 5.16 6.61 -0.67
C SER A 26 4.75 5.14 -0.75
N ALA A 27 3.73 4.85 -1.54
CA ALA A 27 3.25 3.48 -1.71
C ALA A 27 2.61 3.29 -3.08
N THR A 28 2.47 2.03 -3.50
CA THR A 28 1.88 1.72 -4.78
C THR A 28 0.81 0.63 -4.64
N ILE A 29 -0.43 1.05 -4.38
CA ILE A 29 -1.53 0.11 -4.23
C ILE A 29 -1.48 -0.96 -5.30
N THR A 30 -1.56 -2.23 -4.86
CA THR A 30 -1.52 -3.35 -5.78
C THR A 30 -2.24 -4.57 -5.19
N SER A 31 -3.49 -4.77 -5.59
CA SER A 31 -4.28 -5.88 -5.09
C SER A 31 -5.12 -6.49 -6.22
N GLY A 32 -4.47 -7.21 -7.13
CA GLY A 32 -5.16 -7.82 -8.23
C GLY A 32 -4.24 -8.62 -9.13
N GLU A 33 -4.82 -9.43 -10.01
CA GLU A 33 -4.04 -10.25 -10.93
C GLU A 33 -2.98 -9.42 -11.64
N GLN A 34 -3.23 -8.12 -11.73
CA GLN A 34 -2.30 -7.20 -12.39
C GLN A 34 -2.76 -5.76 -12.21
N SER A 35 -2.23 -5.10 -11.18
CA SER A 35 -2.58 -3.71 -10.91
C SER A 35 -1.38 -2.94 -10.35
N GLY A 36 -1.48 -1.62 -10.34
CA GLY A 36 -0.40 -0.80 -9.84
C GLY A 36 -0.71 0.68 -9.91
N ALA A 37 -1.39 1.19 -8.90
CA ALA A 37 -1.75 2.60 -8.85
C ALA A 37 -0.91 3.35 -7.82
N VAL A 38 -1.25 4.62 -7.61
CA VAL A 38 -0.52 5.45 -6.64
C VAL A 38 -1.26 5.54 -5.32
N ILE A 39 -0.58 5.17 -4.24
CA ILE A 39 -1.18 5.22 -2.91
C ILE A 39 -0.21 5.79 -1.89
N ARG A 40 -0.75 6.45 -0.87
CA ARG A 40 0.07 7.05 0.18
C ARG A 40 -0.05 6.27 1.48
N GLY A 41 0.72 5.18 1.58
CA GLY A 41 0.67 4.36 2.78
C GLY A 41 2.04 3.84 3.16
N VAL A 42 2.31 3.78 4.46
CA VAL A 42 3.59 3.30 4.97
C VAL A 42 3.40 2.21 6.02
N PHE A 43 4.26 1.20 5.98
CA PHE A 43 4.19 0.10 6.94
C PHE A 43 5.03 0.38 8.17
N ASP A 44 4.47 0.10 9.34
CA ASP A 44 5.17 0.33 10.60
C ASP A 44 5.21 -0.94 11.44
N ASP A 45 6.40 -1.34 11.84
CA ASP A 45 6.58 -2.56 12.65
C ASP A 45 6.80 -2.19 14.11
N PRO A 46 6.42 -3.11 15.01
CA PRO A 46 6.56 -2.92 16.46
C PRO A 46 8.02 -2.93 16.90
N GLU A 47 8.77 -3.93 16.45
CA GLU A 47 10.17 -4.06 16.80
C GLU A 47 10.80 -5.28 16.12
N ASN A 48 11.61 -5.03 15.10
CA ASN A 48 12.27 -6.10 14.37
C ASN A 48 13.00 -7.05 15.32
N ILE A 49 12.42 -8.22 15.53
CA ILE A 49 13.02 -9.22 16.41
C ILE A 49 14.26 -9.84 15.79
N SER A 50 15.26 -10.12 16.62
CA SER A 50 16.50 -10.72 16.15
C SER A 50 16.60 -12.18 16.58
N TYR A 51 17.78 -12.77 16.37
CA TYR A 51 18.00 -14.16 16.74
C TYR A 51 17.63 -14.41 18.19
N ALA A 52 17.36 -15.67 18.52
CA ALA A 52 16.98 -16.04 19.88
C ALA A 52 17.92 -17.11 20.44
N GLY A 53 17.78 -18.33 19.97
CA GLY A 53 18.62 -19.43 20.42
C GLY A 53 17.85 -20.44 21.24
N GLN A 54 16.62 -20.74 20.82
CA GLN A 54 15.79 -21.70 21.52
C GLN A 54 15.28 -22.78 20.57
N GLY A 55 14.96 -22.38 19.35
CA GLY A 55 14.47 -23.32 18.36
C GLY A 55 13.08 -22.97 17.86
N VAL A 56 12.69 -21.71 18.05
CA VAL A 56 11.37 -21.26 17.62
C VAL A 56 11.47 -19.88 16.96
N ARG A 57 11.62 -19.87 15.64
CA ARG A 57 11.72 -18.61 14.90
C ARG A 57 10.48 -17.75 15.13
N VAL A 58 10.55 -16.51 14.66
CA VAL A 58 9.44 -15.57 14.81
C VAL A 58 8.13 -16.18 14.32
N GLU A 59 7.03 -15.82 14.96
CA GLU A 59 5.72 -16.34 14.59
C GLU A 59 5.16 -15.59 13.38
N GLY A 60 4.70 -14.36 13.60
CA GLY A 60 4.15 -13.57 12.52
C GLY A 60 4.34 -12.08 12.74
N SER A 61 4.49 -11.34 11.64
CA SER A 61 4.69 -9.89 11.71
C SER A 61 3.63 -9.16 10.90
N SER A 62 2.94 -8.24 11.54
CA SER A 62 1.89 -7.46 10.88
C SER A 62 2.09 -5.97 11.12
N PRO A 63 2.70 -5.30 10.13
CA PRO A 63 2.97 -3.86 10.20
C PRO A 63 1.69 -3.02 10.11
N SER A 64 1.80 -1.74 10.45
CA SER A 64 0.66 -0.83 10.41
C SER A 64 0.77 0.13 9.24
N LEU A 65 -0.36 0.43 8.61
CA LEU A 65 -0.39 1.34 7.47
C LEU A 65 -1.17 2.60 7.81
N PHE A 66 -0.50 3.74 7.72
CA PHE A 66 -1.13 5.03 8.02
C PHE A 66 -1.49 5.77 6.73
N VAL A 67 -2.79 5.86 6.46
CA VAL A 67 -3.26 6.55 5.26
C VAL A 67 -4.49 7.40 5.56
N ARG A 68 -4.87 8.24 4.60
CA ARG A 68 -6.02 9.11 4.77
C ARG A 68 -7.28 8.47 4.22
N THR A 69 -8.41 8.71 4.88
CA THR A 69 -9.68 8.14 4.45
C THR A 69 -9.88 8.30 2.94
N ASP A 70 -9.63 9.51 2.45
CA ASP A 70 -9.77 9.78 1.02
C ASP A 70 -9.00 8.78 0.19
N GLU A 71 -7.72 8.61 0.50
CA GLU A 71 -6.87 7.67 -0.22
C GLU A 71 -7.49 6.27 -0.23
N VAL A 72 -8.07 5.89 0.90
CA VAL A 72 -8.70 4.57 1.02
C VAL A 72 -10.00 4.52 0.25
N ARG A 73 -10.75 5.61 0.30
CA ARG A 73 -12.04 5.69 -0.40
C ARG A 73 -11.88 5.37 -1.88
N GLN A 74 -10.80 5.87 -2.47
CA GLN A 74 -10.52 5.63 -3.88
C GLN A 74 -10.57 4.14 -4.21
N LEU A 75 -10.30 3.31 -3.21
CA LEU A 75 -10.32 1.87 -3.38
C LEU A 75 -11.42 1.22 -2.54
N ARG A 76 -11.35 -0.10 -2.40
CA ARG A 76 -12.34 -0.83 -1.62
C ARG A 76 -11.70 -1.42 -0.37
N ARG A 77 -12.50 -2.15 0.41
CA ARG A 77 -12.02 -2.76 1.64
C ARG A 77 -11.19 -4.01 1.33
N GLY A 78 -9.97 -4.05 1.86
CA GLY A 78 -9.09 -5.18 1.63
C GLY A 78 -8.07 -4.91 0.54
N ASP A 79 -7.77 -3.64 0.32
CA ASP A 79 -6.80 -3.25 -0.70
C ASP A 79 -5.38 -3.35 -0.17
N THR A 80 -4.63 -4.34 -0.66
CA THR A 80 -3.26 -4.55 -0.23
C THR A 80 -2.29 -3.73 -1.08
N LEU A 81 -1.70 -2.70 -0.48
CA LEU A 81 -0.75 -1.85 -1.18
C LEU A 81 0.68 -2.28 -0.89
N THR A 82 1.49 -2.35 -1.94
CA THR A 82 2.89 -2.74 -1.80
C THR A 82 3.79 -1.54 -1.63
N ILE A 83 4.20 -1.28 -0.39
CA ILE A 83 5.07 -0.15 -0.09
C ILE A 83 6.23 -0.57 0.80
N GLY A 84 7.45 -0.20 0.42
CA GLY A 84 8.62 -0.54 1.19
C GLY A 84 8.94 -2.02 1.13
N GLU A 85 8.02 -2.84 1.62
CA GLU A 85 8.21 -4.30 1.61
C GLU A 85 7.41 -4.95 0.50
N GLU A 86 6.12 -5.18 0.76
CA GLU A 86 5.24 -5.80 -0.21
C GLU A 86 3.79 -5.36 0.01
N ASN A 87 2.97 -5.53 -1.03
CA ASN A 87 1.56 -5.15 -0.95
C ASN A 87 0.90 -5.76 0.27
N PHE A 88 0.30 -4.91 1.11
CA PHE A 88 -0.37 -5.36 2.32
C PHE A 88 -1.75 -4.74 2.45
N TRP A 89 -2.78 -5.58 2.50
CA TRP A 89 -4.15 -5.10 2.62
C TRP A 89 -4.47 -4.75 4.07
N VAL A 90 -5.16 -3.62 4.26
CA VAL A 90 -5.53 -3.17 5.60
C VAL A 90 -6.89 -3.73 6.00
N ASP A 91 -6.99 -4.20 7.23
CA ASP A 91 -8.23 -4.76 7.75
C ASP A 91 -9.32 -3.70 7.82
N ARG A 92 -9.14 -2.72 8.71
CA ARG A 92 -10.11 -1.65 8.88
C ARG A 92 -9.48 -0.48 9.63
N VAL A 93 -9.51 0.70 8.99
CA VAL A 93 -8.95 1.90 9.61
C VAL A 93 -10.02 2.96 9.80
N SER A 94 -10.02 3.58 10.98
CA SER A 94 -11.00 4.62 11.30
C SER A 94 -10.30 5.87 11.83
N PRO A 95 -10.20 6.90 10.97
CA PRO A 95 -9.56 8.17 11.32
C PRO A 95 -10.39 8.96 12.33
N ASP A 96 -9.92 10.16 12.64
CA ASP A 96 -10.62 11.03 13.59
C ASP A 96 -10.91 12.39 12.96
N ASP A 97 -9.99 12.87 12.15
CA ASP A 97 -10.16 14.15 11.48
C ASP A 97 -8.93 14.50 10.63
N GLY A 98 -9.15 14.62 9.33
CA GLY A 98 -8.04 14.94 8.43
C GLY A 98 -7.40 13.70 7.85
N GLY A 99 -8.22 12.72 7.49
CA GLY A 99 -7.70 11.49 6.93
C GLY A 99 -6.52 10.94 7.70
N SER A 100 -6.78 10.48 8.92
CA SER A 100 -5.71 9.94 9.77
C SER A 100 -6.06 8.53 10.23
N CYS A 101 -6.02 7.58 9.31
CA CYS A 101 -6.33 6.19 9.62
C CYS A 101 -5.05 5.34 9.68
N HIS A 102 -5.09 4.30 10.51
CA HIS A 102 -3.94 3.41 10.65
C HIS A 102 -4.35 2.08 11.27
N LEU A 103 -4.05 0.99 10.56
CA LEU A 103 -4.40 -0.34 11.04
C LEU A 103 -3.43 -1.39 10.47
N TRP A 104 -3.18 -2.43 11.26
CA TRP A 104 -2.28 -3.50 10.84
C TRP A 104 -2.84 -4.22 9.61
N LEU A 105 -2.10 -4.16 8.51
CA LEU A 105 -2.52 -4.81 7.28
C LEU A 105 -1.90 -6.21 7.16
N GLY A 106 -2.46 -7.03 6.28
CA GLY A 106 -1.95 -8.37 6.08
C GLY A 106 -0.86 -8.43 5.03
N ARG A 107 -0.05 -9.49 5.07
CA ARG A 107 1.03 -9.65 4.11
C ARG A 107 0.49 -9.89 2.71
N GLY A 108 1.31 -9.59 1.71
CA GLY A 108 0.89 -9.77 0.33
C GLY A 108 2.02 -9.55 -0.66
N VAL A 109 2.46 -10.61 -1.31
CA VAL A 109 3.54 -10.53 -2.29
C VAL A 109 3.00 -10.16 -3.67
N PRO A 110 3.68 -9.20 -4.32
CA PRO A 110 3.30 -8.73 -5.66
C PRO A 110 3.55 -9.79 -6.73
N PRO A 111 3.00 -9.55 -7.94
CA PRO A 111 3.15 -10.46 -9.07
C PRO A 111 4.58 -10.47 -9.62
N ALA A 112 5.33 -9.44 -9.28
CA ALA A 112 6.71 -9.32 -9.74
C ALA A 112 7.63 -10.27 -8.97
N VAL A 113 8.55 -10.91 -9.69
CA VAL A 113 9.49 -11.84 -9.07
C VAL A 113 10.92 -11.47 -9.38
N ASN A 114 11.79 -11.58 -8.38
CA ASN A 114 13.20 -11.25 -8.56
C ASN A 114 14.06 -12.51 -8.58
N ARG A 115 14.81 -12.68 -9.66
CA ARG A 115 15.68 -13.85 -9.82
C ARG A 115 17.14 -13.46 -9.65
N ARG A 116 17.91 -14.32 -8.98
CA ARG A 116 19.32 -14.07 -8.77
C ARG A 116 20.18 -15.10 -9.49
N ARG A 117 21.23 -14.62 -10.15
CA ARG A 117 22.13 -15.50 -10.90
C ARG A 117 22.78 -16.53 -9.97
N MET A 1 8.86 13.65 -73.25
CA MET A 1 7.60 13.35 -72.59
C MET A 1 7.83 12.97 -71.13
N ALA A 2 7.06 13.59 -70.23
CA ALA A 2 7.18 13.31 -68.81
C ALA A 2 6.00 13.88 -68.04
N ASP A 3 5.81 13.40 -66.81
CA ASP A 3 4.71 13.86 -65.97
C ASP A 3 5.18 14.08 -64.54
N PHE A 4 4.26 14.48 -63.66
CA PHE A 4 4.58 14.73 -62.26
C PHE A 4 3.36 14.49 -61.38
N ASP A 5 3.51 14.77 -60.09
CA ASP A 5 2.42 14.59 -59.13
C ASP A 5 2.70 15.36 -57.84
N ASN A 6 1.75 15.30 -56.91
CA ASN A 6 1.88 16.00 -55.64
C ASN A 6 1.08 15.30 -54.55
N LEU A 7 1.19 15.80 -53.33
CA LEU A 7 0.48 15.22 -52.20
C LEU A 7 -0.32 16.29 -51.45
N PHE A 8 0.40 17.21 -50.80
CA PHE A 8 -0.24 18.28 -50.05
C PHE A 8 -1.18 17.72 -48.99
N ASP A 9 -0.67 16.81 -48.17
CA ASP A 9 -1.45 16.21 -47.11
C ASP A 9 -1.64 17.18 -45.95
N ALA A 10 -2.26 16.69 -44.88
CA ALA A 10 -2.50 17.51 -43.70
C ALA A 10 -2.53 16.66 -42.43
N ALA A 11 -2.69 17.32 -41.29
CA ALA A 11 -2.73 16.62 -40.01
C ALA A 11 -3.39 17.48 -38.93
N ILE A 12 -3.53 16.92 -37.74
CA ILE A 12 -4.14 17.64 -36.63
C ILE A 12 -3.29 17.53 -35.37
N ALA A 13 -3.94 17.67 -34.21
CA ALA A 13 -3.25 17.58 -32.93
C ALA A 13 -4.23 17.61 -31.78
N ARG A 14 -3.71 17.50 -30.55
CA ARG A 14 -4.54 17.52 -29.36
C ARG A 14 -3.74 17.98 -28.14
N ALA A 15 -4.38 17.96 -26.98
CA ALA A 15 -3.73 18.36 -25.74
C ALA A 15 -4.10 17.42 -24.59
N ASP A 16 -3.53 17.69 -23.42
CA ASP A 16 -3.79 16.87 -22.24
C ASP A 16 -3.63 17.68 -20.96
N GLU A 17 -3.72 17.00 -19.82
CA GLU A 17 -3.58 17.67 -18.53
C GLU A 17 -2.49 16.99 -17.69
N THR A 18 -2.24 17.54 -16.51
CA THR A 18 -1.22 17.00 -15.61
C THR A 18 -1.79 16.79 -14.21
N ILE A 19 -1.00 16.12 -13.36
CA ILE A 19 -1.42 15.87 -11.99
C ILE A 19 -0.24 15.94 -11.03
N ARG A 20 -0.23 16.97 -10.19
CA ARG A 20 0.84 17.15 -9.22
C ARG A 20 0.42 16.65 -7.84
N GLY A 21 1.34 16.76 -6.88
CA GLY A 21 1.05 16.30 -5.53
C GLY A 21 2.00 15.22 -5.06
N TYR A 22 2.72 15.49 -3.98
CA TYR A 22 3.66 14.54 -3.43
C TYR A 22 4.02 14.88 -1.99
N MET A 23 3.51 14.09 -1.05
CA MET A 23 3.77 14.31 0.37
C MET A 23 3.17 13.19 1.21
N GLY A 24 3.85 12.85 2.30
CA GLY A 24 3.37 11.80 3.17
C GLY A 24 4.10 10.49 2.97
N THR A 25 3.36 9.41 2.77
CA THR A 25 3.95 8.09 2.58
C THR A 25 3.74 7.61 1.14
N SER A 26 4.83 7.52 0.38
CA SER A 26 4.76 7.07 -1.00
C SER A 26 4.51 5.57 -1.08
N ALA A 27 3.44 5.19 -1.76
CA ALA A 27 3.08 3.79 -1.91
C ALA A 27 2.43 3.52 -3.26
N THR A 28 2.39 2.25 -3.66
CA THR A 28 1.79 1.87 -4.93
C THR A 28 0.80 0.72 -4.76
N ILE A 29 -0.45 1.05 -4.51
CA ILE A 29 -1.49 0.05 -4.33
C ILE A 29 -1.38 -1.05 -5.36
N THR A 30 -1.48 -2.31 -4.90
CA THR A 30 -1.39 -3.45 -5.80
C THR A 30 -2.12 -4.66 -5.20
N SER A 31 -3.34 -4.88 -5.66
CA SER A 31 -4.15 -5.99 -5.18
C SER A 31 -4.82 -6.72 -6.33
N GLY A 32 -4.02 -7.42 -7.14
CA GLY A 32 -4.56 -8.15 -8.27
C GLY A 32 -3.49 -8.89 -9.04
N GLU A 33 -3.91 -9.76 -9.95
CA GLU A 33 -2.97 -10.54 -10.76
C GLU A 33 -1.90 -9.64 -11.37
N GLN A 34 -2.23 -8.36 -11.51
CA GLN A 34 -1.29 -7.40 -12.08
C GLN A 34 -1.85 -5.99 -12.01
N SER A 35 -1.47 -5.25 -10.96
CA SER A 35 -1.94 -3.88 -10.77
C SER A 35 -0.83 -3.02 -10.16
N GLY A 36 -1.04 -1.71 -10.21
CA GLY A 36 -0.05 -0.79 -9.66
C GLY A 36 -0.45 0.67 -9.84
N ALA A 37 -1.18 1.21 -8.87
CA ALA A 37 -1.63 2.59 -8.92
C ALA A 37 -0.89 3.45 -7.90
N VAL A 38 -1.35 4.68 -7.73
CA VAL A 38 -0.73 5.60 -6.78
C VAL A 38 -1.49 5.63 -5.46
N ILE A 39 -0.81 5.27 -4.38
CA ILE A 39 -1.42 5.25 -3.06
C ILE A 39 -0.48 5.83 -2.01
N ARG A 40 -1.05 6.43 -0.98
CA ARG A 40 -0.26 7.02 0.10
C ARG A 40 -0.39 6.21 1.38
N GLY A 41 0.36 5.11 1.46
CA GLY A 41 0.32 4.26 2.64
C GLY A 41 1.71 3.88 3.13
N VAL A 42 1.87 3.84 4.45
CA VAL A 42 3.15 3.49 5.04
C VAL A 42 3.01 2.32 6.01
N PHE A 43 3.96 1.40 5.97
CA PHE A 43 3.94 0.23 6.84
C PHE A 43 4.79 0.47 8.09
N ASP A 44 4.23 0.15 9.25
CA ASP A 44 4.94 0.32 10.51
C ASP A 44 5.20 -1.02 11.18
N ASP A 45 6.46 -1.29 11.47
CA ASP A 45 6.85 -2.55 12.11
C ASP A 45 7.20 -2.33 13.58
N PRO A 46 7.03 -3.38 14.39
CA PRO A 46 7.31 -3.33 15.83
C PRO A 46 8.81 -3.22 16.11
N GLU A 47 9.61 -3.90 15.29
CA GLU A 47 11.06 -3.88 15.47
C GLU A 47 11.61 -2.46 15.36
N ASN A 48 10.83 -1.58 14.74
CA ASN A 48 11.23 -0.18 14.57
C ASN A 48 11.06 0.59 15.88
N ILE A 49 11.83 0.19 16.90
CA ILE A 49 11.77 0.86 18.19
C ILE A 49 13.15 0.94 18.84
N SER A 50 13.93 -0.13 18.70
CA SER A 50 15.27 -0.17 19.26
C SER A 50 16.27 0.51 18.33
N TYR A 51 17.56 0.35 18.63
CA TYR A 51 18.62 0.95 17.83
C TYR A 51 19.15 -0.05 16.80
N ALA A 52 18.25 -0.81 16.20
CA ALA A 52 18.62 -1.80 15.20
C ALA A 52 17.40 -2.33 14.46
N GLY A 53 17.57 -2.59 13.17
CA GLY A 53 16.47 -3.10 12.37
C GLY A 53 16.94 -3.79 11.10
N GLN A 54 17.21 -5.08 11.21
CA GLN A 54 17.67 -5.86 10.07
C GLN A 54 17.78 -7.35 10.42
N GLY A 55 16.89 -8.15 9.85
CA GLY A 55 16.90 -9.58 10.13
C GLY A 55 15.67 -10.27 9.61
N VAL A 56 15.66 -10.59 8.32
CA VAL A 56 14.53 -11.26 7.70
C VAL A 56 14.72 -12.78 7.70
N ARG A 57 14.31 -13.43 8.79
CA ARG A 57 14.45 -14.88 8.92
C ARG A 57 13.09 -15.56 8.75
N VAL A 58 12.57 -15.56 7.52
CA VAL A 58 11.29 -16.18 7.24
C VAL A 58 10.29 -15.91 8.35
N GLU A 59 10.33 -14.70 8.91
CA GLU A 59 9.43 -14.33 9.98
C GLU A 59 8.18 -13.64 9.42
N GLY A 60 7.10 -13.69 10.20
CA GLY A 60 5.85 -13.07 9.77
C GLY A 60 5.26 -12.15 10.82
N SER A 61 4.94 -10.92 10.40
CA SER A 61 4.38 -9.94 11.32
C SER A 61 3.39 -9.02 10.59
N SER A 62 2.45 -8.48 11.33
CA SER A 62 1.44 -7.58 10.76
C SER A 62 1.71 -6.14 11.16
N PRO A 63 2.37 -5.39 10.25
CA PRO A 63 2.71 -3.99 10.49
C PRO A 63 1.48 -3.08 10.48
N SER A 64 1.69 -1.78 10.65
CA SER A 64 0.60 -0.81 10.66
C SER A 64 0.56 -0.02 9.36
N LEU A 65 -0.62 0.43 8.97
CA LEU A 65 -0.80 1.21 7.76
C LEU A 65 -1.22 2.63 8.07
N PHE A 66 -0.66 3.59 7.34
CA PHE A 66 -0.98 5.00 7.54
C PHE A 66 -1.55 5.62 6.28
N VAL A 67 -2.86 5.86 6.27
CA VAL A 67 -3.52 6.45 5.11
C VAL A 67 -4.64 7.39 5.54
N ARG A 68 -5.06 8.26 4.63
CA ARG A 68 -6.12 9.22 4.91
C ARG A 68 -7.46 8.70 4.43
N THR A 69 -8.52 9.02 5.17
CA THR A 69 -9.86 8.58 4.81
C THR A 69 -10.09 8.66 3.30
N ASP A 70 -9.68 9.78 2.71
CA ASP A 70 -9.84 9.99 1.28
C ASP A 70 -8.98 9.00 0.49
N GLU A 71 -7.69 8.98 0.80
CA GLU A 71 -6.76 8.08 0.11
C GLU A 71 -7.26 6.64 0.18
N VAL A 72 -7.81 6.26 1.32
CA VAL A 72 -8.32 4.90 1.52
C VAL A 72 -9.73 4.77 0.95
N ARG A 73 -10.43 5.88 0.84
CA ARG A 73 -11.80 5.89 0.32
C ARG A 73 -11.81 5.46 -1.14
N GLN A 74 -10.79 5.88 -1.89
CA GLN A 74 -10.69 5.55 -3.31
C GLN A 74 -10.44 4.06 -3.49
N LEU A 75 -10.13 3.37 -2.39
CA LEU A 75 -9.87 1.94 -2.44
C LEU A 75 -11.07 1.15 -1.92
N ARG A 76 -10.92 -0.17 -1.84
CA ARG A 76 -11.98 -1.04 -1.36
C ARG A 76 -11.51 -1.88 -0.18
N ARG A 77 -12.44 -2.21 0.72
CA ARG A 77 -12.10 -3.02 1.89
C ARG A 77 -11.33 -4.27 1.50
N GLY A 78 -10.03 -4.26 1.77
CA GLY A 78 -9.20 -5.40 1.44
C GLY A 78 -8.17 -5.08 0.37
N ASP A 79 -7.95 -3.79 0.14
CA ASP A 79 -6.99 -3.35 -0.87
C ASP A 79 -5.56 -3.43 -0.33
N THR A 80 -4.80 -4.41 -0.80
CA THR A 80 -3.43 -4.59 -0.36
C THR A 80 -2.48 -3.74 -1.18
N LEU A 81 -1.91 -2.72 -0.54
CA LEU A 81 -0.97 -1.81 -1.20
C LEU A 81 0.47 -2.23 -0.94
N THR A 82 1.27 -2.29 -2.00
CA THR A 82 2.66 -2.68 -1.89
C THR A 82 3.56 -1.46 -1.75
N ILE A 83 4.00 -1.19 -0.53
CA ILE A 83 4.87 -0.05 -0.26
C ILE A 83 5.98 -0.41 0.72
N GLY A 84 7.21 -0.04 0.38
CA GLY A 84 8.35 -0.35 1.24
C GLY A 84 8.73 -1.82 1.19
N GLU A 85 7.76 -2.69 1.43
CA GLU A 85 8.01 -4.13 1.42
C GLU A 85 7.20 -4.82 0.32
N GLU A 86 5.93 -5.09 0.63
CA GLU A 86 5.05 -5.75 -0.34
C GLU A 86 3.60 -5.32 -0.12
N ASN A 87 2.78 -5.51 -1.14
CA ASN A 87 1.37 -5.14 -1.07
C ASN A 87 0.72 -5.72 0.18
N PHE A 88 0.14 -4.85 1.00
CA PHE A 88 -0.52 -5.27 2.23
C PHE A 88 -1.91 -4.64 2.34
N TRP A 89 -2.93 -5.50 2.38
CA TRP A 89 -4.30 -5.02 2.49
C TRP A 89 -4.66 -4.70 3.94
N VAL A 90 -5.31 -3.56 4.15
CA VAL A 90 -5.71 -3.15 5.48
C VAL A 90 -7.11 -3.64 5.82
N ASP A 91 -7.27 -4.14 7.05
CA ASP A 91 -8.57 -4.64 7.50
C ASP A 91 -9.60 -3.52 7.53
N ARG A 92 -9.47 -2.62 8.49
CA ARG A 92 -10.41 -1.51 8.63
C ARG A 92 -9.78 -0.37 9.43
N VAL A 93 -9.68 0.80 8.81
CA VAL A 93 -9.10 1.97 9.48
C VAL A 93 -10.17 3.03 9.75
N SER A 94 -10.17 3.56 10.97
CA SER A 94 -11.14 4.58 11.35
C SER A 94 -10.43 5.82 11.91
N PRO A 95 -10.29 6.85 11.06
CA PRO A 95 -9.63 8.10 11.44
C PRO A 95 -10.47 8.90 12.44
N ASP A 96 -9.85 9.94 13.00
CA ASP A 96 -10.53 10.80 13.97
C ASP A 96 -10.35 12.26 13.62
N ASP A 97 -9.72 12.52 12.48
CA ASP A 97 -9.48 13.90 12.04
C ASP A 97 -9.67 14.01 10.52
N GLY A 98 -10.56 13.18 9.98
CA GLY A 98 -10.81 13.21 8.55
C GLY A 98 -9.54 13.17 7.73
N GLY A 99 -8.75 12.11 7.90
CA GLY A 99 -7.51 11.99 7.17
C GLY A 99 -6.39 11.45 8.02
N SER A 100 -6.72 10.55 8.94
CA SER A 100 -5.73 9.97 9.84
C SER A 100 -6.15 8.57 10.29
N CYS A 101 -6.09 7.62 9.37
CA CYS A 101 -6.46 6.24 9.67
C CYS A 101 -5.24 5.34 9.73
N HIS A 102 -5.31 4.31 10.56
CA HIS A 102 -4.21 3.37 10.70
C HIS A 102 -4.70 2.02 11.26
N LEU A 103 -4.39 0.95 10.56
CA LEU A 103 -4.80 -0.39 10.97
C LEU A 103 -3.82 -1.44 10.46
N TRP A 104 -3.65 -2.51 11.23
CA TRP A 104 -2.75 -3.59 10.86
C TRP A 104 -3.24 -4.29 9.59
N LEU A 105 -2.47 -4.16 8.53
CA LEU A 105 -2.83 -4.79 7.24
C LEU A 105 -2.19 -6.17 7.12
N GLY A 106 -2.70 -6.97 6.19
CA GLY A 106 -2.17 -8.30 5.99
C GLY A 106 -1.05 -8.33 4.97
N ARG A 107 -0.22 -9.36 5.03
CA ARG A 107 0.89 -9.50 4.10
C ARG A 107 0.41 -9.79 2.68
N GLY A 108 1.26 -9.50 1.70
CA GLY A 108 0.88 -9.73 0.32
C GLY A 108 2.04 -9.49 -0.63
N VAL A 109 2.56 -10.57 -1.21
CA VAL A 109 3.68 -10.48 -2.14
C VAL A 109 3.18 -10.37 -3.58
N PRO A 110 3.77 -9.44 -4.34
CA PRO A 110 3.40 -9.21 -5.74
C PRO A 110 3.85 -10.36 -6.65
N PRO A 111 3.34 -10.36 -7.89
CA PRO A 111 3.66 -11.39 -8.88
C PRO A 111 5.11 -11.31 -9.35
N ALA A 112 5.80 -10.25 -8.95
CA ALA A 112 7.19 -10.05 -9.34
C ALA A 112 8.07 -11.18 -8.82
N VAL A 113 9.25 -11.33 -9.41
CA VAL A 113 10.18 -12.37 -9.01
C VAL A 113 11.16 -11.86 -7.96
N ASN A 114 11.15 -12.50 -6.80
CA ASN A 114 12.04 -12.11 -5.71
C ASN A 114 12.79 -13.31 -5.16
N ARG A 115 14.03 -13.09 -4.73
CA ARG A 115 14.86 -14.16 -4.18
C ARG A 115 14.55 -14.38 -2.71
N ARG A 116 14.23 -15.61 -2.35
CA ARG A 116 13.91 -15.97 -0.97
C ARG A 116 14.95 -16.92 -0.40
N ARG A 117 15.35 -16.68 0.84
CA ARG A 117 16.33 -17.52 1.51
C ARG A 117 15.94 -19.00 1.42
N MET A 1 -27.79 -35.17 -33.24
CA MET A 1 -27.23 -34.86 -34.55
C MET A 1 -27.89 -33.62 -35.15
N ALA A 2 -27.06 -32.68 -35.61
CA ALA A 2 -27.55 -31.44 -36.20
C ALA A 2 -28.34 -30.63 -35.18
N ASP A 3 -27.73 -30.37 -34.03
CA ASP A 3 -28.38 -29.59 -32.98
C ASP A 3 -27.56 -28.36 -32.63
N PHE A 4 -28.25 -27.29 -32.21
CA PHE A 4 -27.60 -26.05 -31.85
C PHE A 4 -28.41 -25.27 -30.83
N ASP A 5 -27.90 -24.12 -30.40
CA ASP A 5 -28.58 -23.29 -29.43
C ASP A 5 -28.06 -21.85 -29.47
N ASN A 6 -28.63 -20.99 -28.63
CA ASN A 6 -28.22 -19.60 -28.57
C ASN A 6 -28.62 -18.96 -27.25
N LEU A 7 -28.15 -17.74 -27.01
CA LEU A 7 -28.47 -17.03 -25.79
C LEU A 7 -28.12 -15.54 -25.91
N PHE A 8 -28.40 -14.79 -24.87
CA PHE A 8 -28.12 -13.36 -24.86
C PHE A 8 -27.56 -12.91 -23.51
N ASP A 9 -27.31 -11.62 -23.37
CA ASP A 9 -26.77 -11.06 -22.14
C ASP A 9 -26.65 -9.54 -22.22
N ALA A 10 -26.23 -8.93 -21.13
CA ALA A 10 -26.07 -7.47 -21.08
C ALA A 10 -25.03 -7.07 -20.04
N ALA A 11 -24.78 -5.77 -19.95
CA ALA A 11 -23.81 -5.25 -18.98
C ALA A 11 -24.43 -4.18 -18.09
N ILE A 12 -24.69 -3.01 -18.68
CA ILE A 12 -25.29 -1.91 -17.93
C ILE A 12 -24.41 -1.50 -16.75
N ALA A 13 -23.27 -0.87 -17.05
CA ALA A 13 -22.36 -0.43 -16.00
C ALA A 13 -21.58 0.80 -16.45
N ARG A 14 -20.88 1.43 -15.51
CA ARG A 14 -20.10 2.62 -15.81
C ARG A 14 -18.76 2.59 -15.06
N ALA A 15 -17.99 3.67 -15.19
CA ALA A 15 -16.70 3.77 -14.53
C ALA A 15 -16.41 5.20 -14.09
N ASP A 16 -15.20 5.44 -13.61
CA ASP A 16 -14.80 6.77 -13.16
C ASP A 16 -13.30 6.97 -13.31
N GLU A 17 -12.81 8.10 -12.81
CA GLU A 17 -11.38 8.40 -12.89
C GLU A 17 -10.93 9.20 -11.67
N THR A 18 -9.63 9.48 -11.61
CA THR A 18 -9.06 10.24 -10.49
C THR A 18 -7.72 10.85 -10.87
N ILE A 19 -7.40 11.98 -10.24
CA ILE A 19 -6.14 12.67 -10.50
C ILE A 19 -5.50 13.14 -9.21
N ARG A 20 -4.46 12.42 -8.79
CA ARG A 20 -3.74 12.77 -7.57
C ARG A 20 -2.23 12.65 -7.75
N GLY A 21 -1.47 13.18 -6.80
CA GLY A 21 -0.03 13.12 -6.89
C GLY A 21 0.57 12.13 -5.92
N TYR A 22 1.50 12.60 -5.09
CA TYR A 22 2.17 11.74 -4.12
C TYR A 22 2.91 12.57 -3.08
N MET A 23 2.74 12.22 -1.81
CA MET A 23 3.41 12.93 -0.72
C MET A 23 3.27 12.17 0.59
N GLY A 24 4.19 12.43 1.52
CA GLY A 24 4.15 11.76 2.81
C GLY A 24 4.63 10.32 2.72
N THR A 25 3.67 9.39 2.66
CA THR A 25 4.00 7.97 2.59
C THR A 25 3.91 7.46 1.15
N SER A 26 5.06 7.18 0.54
CA SER A 26 5.10 6.69 -0.83
C SER A 26 4.71 5.22 -0.89
N ALA A 27 3.67 4.92 -1.66
CA ALA A 27 3.20 3.55 -1.82
C ALA A 27 2.54 3.34 -3.17
N THR A 28 2.42 2.09 -3.58
CA THR A 28 1.82 1.75 -4.86
C THR A 28 0.79 0.63 -4.71
N ILE A 29 -0.45 1.02 -4.42
CA ILE A 29 -1.54 0.05 -4.25
C ILE A 29 -1.48 -1.03 -5.33
N THR A 30 -1.51 -2.28 -4.90
CA THR A 30 -1.47 -3.41 -5.83
C THR A 30 -2.15 -4.63 -5.24
N SER A 31 -3.38 -4.89 -5.66
CA SER A 31 -4.14 -6.03 -5.17
C SER A 31 -4.95 -6.67 -6.30
N GLY A 32 -4.26 -7.36 -7.20
CA GLY A 32 -4.93 -8.00 -8.31
C GLY A 32 -3.96 -8.77 -9.20
N GLU A 33 -4.50 -9.61 -10.07
CA GLU A 33 -3.68 -10.40 -10.98
C GLU A 33 -2.65 -9.52 -11.69
N GLN A 34 -2.94 -8.23 -11.77
CA GLN A 34 -2.03 -7.29 -12.42
C GLN A 34 -2.53 -5.85 -12.26
N SER A 35 -2.05 -5.17 -11.23
CA SER A 35 -2.46 -3.80 -10.96
C SER A 35 -1.30 -2.99 -10.39
N GLY A 36 -1.44 -1.68 -10.38
CA GLY A 36 -0.40 -0.81 -9.86
C GLY A 36 -0.76 0.66 -9.95
N ALA A 37 -1.45 1.15 -8.92
CA ALA A 37 -1.86 2.55 -8.88
C ALA A 37 -1.02 3.35 -7.89
N VAL A 38 -1.40 4.60 -7.67
CA VAL A 38 -0.67 5.47 -6.74
C VAL A 38 -1.39 5.55 -5.40
N ILE A 39 -0.69 5.19 -4.34
CA ILE A 39 -1.26 5.22 -3.00
C ILE A 39 -0.28 5.81 -1.99
N ARG A 40 -0.80 6.49 -0.99
CA ARG A 40 0.04 7.11 0.04
C ARG A 40 -0.10 6.36 1.37
N GLY A 41 0.62 5.25 1.50
CA GLY A 41 0.57 4.47 2.72
C GLY A 41 1.92 3.88 3.09
N VAL A 42 2.21 3.86 4.39
CA VAL A 42 3.47 3.33 4.88
C VAL A 42 3.25 2.29 5.97
N PHE A 43 4.06 1.24 5.96
CA PHE A 43 3.95 0.17 6.94
C PHE A 43 4.81 0.47 8.18
N ASP A 44 4.26 0.21 9.35
CA ASP A 44 4.96 0.45 10.60
C ASP A 44 5.05 -0.83 11.44
N ASP A 45 6.27 -1.21 11.81
CA ASP A 45 6.48 -2.41 12.60
C ASP A 45 7.16 -2.07 13.92
N PRO A 46 6.92 -2.91 14.94
CA PRO A 46 7.51 -2.72 16.28
C PRO A 46 9.01 -2.96 16.29
N GLU A 47 9.45 -3.96 15.53
CA GLU A 47 10.87 -4.30 15.45
C GLU A 47 11.24 -4.78 14.06
N ASN A 48 11.61 -3.85 13.19
CA ASN A 48 12.00 -4.18 11.82
C ASN A 48 13.11 -5.23 11.80
N ILE A 49 13.28 -5.88 10.66
CA ILE A 49 14.31 -6.90 10.52
C ILE A 49 15.67 -6.38 10.96
N SER A 50 16.44 -7.23 11.64
CA SER A 50 17.76 -6.85 12.12
C SER A 50 18.82 -7.82 11.61
N TYR A 51 18.96 -7.89 10.29
CA TYR A 51 19.94 -8.78 9.68
C TYR A 51 20.32 -8.30 8.28
N ALA A 52 21.26 -8.99 7.66
CA ALA A 52 21.72 -8.63 6.32
C ALA A 52 20.56 -8.62 5.33
N GLY A 53 20.23 -7.43 4.82
CA GLY A 53 19.13 -7.31 3.88
C GLY A 53 19.54 -7.68 2.47
N GLN A 54 19.08 -6.90 1.49
CA GLN A 54 19.41 -7.16 0.09
C GLN A 54 18.86 -8.51 -0.36
N GLY A 55 17.80 -8.96 0.31
CA GLY A 55 17.20 -10.24 -0.03
C GLY A 55 17.04 -11.14 1.17
N VAL A 56 16.39 -10.63 2.22
CA VAL A 56 16.17 -11.40 3.43
C VAL A 56 14.69 -11.63 3.67
N ARG A 57 14.36 -12.74 4.33
CA ARG A 57 12.97 -13.08 4.63
C ARG A 57 12.43 -12.21 5.75
N VAL A 58 11.19 -12.48 6.15
CA VAL A 58 10.55 -11.72 7.22
C VAL A 58 9.78 -12.64 8.17
N GLU A 59 9.81 -12.31 9.45
CA GLU A 59 9.11 -13.11 10.46
C GLU A 59 7.61 -12.88 10.40
N GLY A 60 6.89 -13.40 11.38
CA GLY A 60 5.45 -13.24 11.42
C GLY A 60 5.02 -12.02 12.21
N SER A 61 4.70 -10.94 11.51
CA SER A 61 4.29 -9.70 12.15
C SER A 61 3.32 -8.93 11.26
N SER A 62 2.46 -8.12 11.88
CA SER A 62 1.49 -7.34 11.15
C SER A 62 1.67 -5.85 11.42
N PRO A 63 2.38 -5.17 10.51
CA PRO A 63 2.65 -3.73 10.63
C PRO A 63 1.40 -2.88 10.42
N SER A 64 1.52 -1.59 10.69
CA SER A 64 0.39 -0.67 10.55
C SER A 64 0.56 0.20 9.31
N LEU A 65 -0.57 0.54 8.68
CA LEU A 65 -0.54 1.37 7.49
C LEU A 65 -1.20 2.72 7.75
N PHE A 66 -0.42 3.79 7.58
CA PHE A 66 -0.92 5.14 7.79
C PHE A 66 -1.40 5.76 6.49
N VAL A 67 -2.71 5.95 6.38
CA VAL A 67 -3.31 6.54 5.18
C VAL A 67 -4.45 7.49 5.55
N ARG A 68 -4.93 8.22 4.55
CA ARG A 68 -6.03 9.17 4.76
C ARG A 68 -7.35 8.59 4.29
N THR A 69 -8.42 8.90 5.01
CA THR A 69 -9.74 8.40 4.67
C THR A 69 -10.00 8.48 3.17
N ASP A 70 -9.63 9.61 2.57
CA ASP A 70 -9.81 9.81 1.13
C ASP A 70 -8.93 8.85 0.34
N GLU A 71 -7.66 8.75 0.74
CA GLU A 71 -6.73 7.86 0.06
C GLU A 71 -7.28 6.45 -0.02
N VAL A 72 -7.91 6.00 1.05
CA VAL A 72 -8.48 4.66 1.10
C VAL A 72 -9.90 4.64 0.53
N ARG A 73 -10.56 5.79 0.57
CA ARG A 73 -11.92 5.91 0.05
C ARG A 73 -11.96 5.57 -1.44
N GLN A 74 -10.97 6.03 -2.18
CA GLN A 74 -10.89 5.78 -3.61
C GLN A 74 -10.76 4.29 -3.89
N LEU A 75 -10.41 3.52 -2.87
CA LEU A 75 -10.27 2.08 -3.01
C LEU A 75 -11.39 1.34 -2.28
N ARG A 76 -11.30 0.01 -2.27
CA ARG A 76 -12.32 -0.80 -1.61
C ARG A 76 -11.72 -1.55 -0.43
N ARG A 77 -12.52 -2.43 0.17
CA ARG A 77 -12.07 -3.22 1.32
C ARG A 77 -11.22 -4.40 0.87
N GLY A 78 -10.07 -4.58 1.50
CA GLY A 78 -9.18 -5.67 1.15
C GLY A 78 -8.16 -5.29 0.10
N ASP A 79 -7.84 -4.00 0.04
CA ASP A 79 -6.86 -3.49 -0.91
C ASP A 79 -5.45 -3.55 -0.33
N THR A 80 -4.66 -4.52 -0.80
CA THR A 80 -3.29 -4.67 -0.33
C THR A 80 -2.32 -3.81 -1.14
N LEU A 81 -1.79 -2.78 -0.49
CA LEU A 81 -0.85 -1.88 -1.15
C LEU A 81 0.59 -2.29 -0.87
N THR A 82 1.40 -2.36 -1.92
CA THR A 82 2.80 -2.74 -1.79
C THR A 82 3.70 -1.51 -1.65
N ILE A 83 4.12 -1.24 -0.42
CA ILE A 83 4.97 -0.09 -0.15
C ILE A 83 6.16 -0.48 0.73
N GLY A 84 7.36 -0.10 0.30
CA GLY A 84 8.55 -0.42 1.07
C GLY A 84 8.85 -1.91 1.07
N GLU A 85 7.95 -2.69 1.63
CA GLU A 85 8.12 -4.14 1.70
C GLU A 85 7.34 -4.84 0.60
N GLU A 86 6.06 -5.07 0.83
CA GLU A 86 5.21 -5.73 -0.16
C GLU A 86 3.75 -5.34 0.03
N ASN A 87 2.95 -5.54 -1.02
CA ASN A 87 1.54 -5.21 -0.98
C ASN A 87 0.88 -5.79 0.28
N PHE A 88 0.25 -4.93 1.07
CA PHE A 88 -0.42 -5.36 2.29
C PHE A 88 -1.82 -4.78 2.38
N TRP A 89 -2.82 -5.65 2.43
CA TRP A 89 -4.21 -5.22 2.51
C TRP A 89 -4.58 -4.84 3.94
N VAL A 90 -5.32 -3.75 4.09
CA VAL A 90 -5.73 -3.27 5.40
C VAL A 90 -7.12 -3.79 5.75
N ASP A 91 -7.28 -4.26 6.99
CA ASP A 91 -8.56 -4.78 7.45
C ASP A 91 -9.61 -3.68 7.50
N ARG A 92 -9.52 -2.81 8.49
CA ARG A 92 -10.47 -1.72 8.65
C ARG A 92 -9.82 -0.55 9.40
N VAL A 93 -9.73 0.59 8.72
CA VAL A 93 -9.13 1.78 9.31
C VAL A 93 -10.18 2.86 9.55
N SER A 94 -10.09 3.54 10.68
CA SER A 94 -11.04 4.60 11.03
C SER A 94 -10.33 5.77 11.70
N PRO A 95 -10.13 6.85 10.94
CA PRO A 95 -9.46 8.06 11.44
C PRO A 95 -10.31 8.81 12.46
N ASP A 96 -9.72 9.84 13.06
CA ASP A 96 -10.42 10.65 14.06
C ASP A 96 -10.80 12.01 13.49
N ASP A 97 -10.32 12.30 12.29
CA ASP A 97 -10.61 13.57 11.63
C ASP A 97 -10.59 13.41 10.11
N GLY A 98 -11.01 12.25 9.64
CA GLY A 98 -11.04 12.00 8.21
C GLY A 98 -9.78 12.45 7.51
N GLY A 99 -8.67 11.76 7.79
CA GLY A 99 -7.40 12.13 7.17
C GLY A 99 -6.24 11.34 7.74
N SER A 100 -6.37 10.91 9.00
CA SER A 100 -5.31 10.15 9.65
C SER A 100 -5.85 8.80 10.14
N CYS A 101 -5.55 7.75 9.38
CA CYS A 101 -6.00 6.40 9.72
C CYS A 101 -4.81 5.45 9.85
N HIS A 102 -5.00 4.40 10.63
CA HIS A 102 -3.93 3.41 10.84
C HIS A 102 -4.52 2.07 11.27
N LEU A 103 -4.22 1.02 10.52
CA LEU A 103 -4.72 -0.31 10.83
C LEU A 103 -3.71 -1.38 10.39
N TRP A 104 -3.63 -2.45 11.17
CA TRP A 104 -2.71 -3.55 10.87
C TRP A 104 -3.16 -4.30 9.62
N LEU A 105 -2.43 -4.13 8.53
CA LEU A 105 -2.75 -4.81 7.27
C LEU A 105 -2.07 -6.17 7.19
N GLY A 106 -2.57 -7.02 6.30
CA GLY A 106 -1.99 -8.34 6.13
C GLY A 106 -0.88 -8.37 5.10
N ARG A 107 -0.03 -9.38 5.17
CA ARG A 107 1.08 -9.52 4.23
C ARG A 107 0.57 -9.84 2.82
N GLY A 108 1.39 -9.54 1.83
CA GLY A 108 1.00 -9.79 0.45
C GLY A 108 2.14 -9.55 -0.52
N VAL A 109 2.63 -10.63 -1.13
CA VAL A 109 3.72 -10.53 -2.09
C VAL A 109 3.21 -10.22 -3.49
N PRO A 110 3.85 -9.25 -4.16
CA PRO A 110 3.47 -8.83 -5.52
C PRO A 110 3.77 -9.90 -6.55
N PRO A 111 3.25 -9.71 -7.78
CA PRO A 111 3.45 -10.64 -8.88
C PRO A 111 4.88 -10.62 -9.40
N ALA A 112 5.68 -9.67 -8.91
CA ALA A 112 7.06 -9.54 -9.33
C ALA A 112 7.85 -10.82 -9.01
N VAL A 113 8.99 -10.98 -9.66
CA VAL A 113 9.83 -12.16 -9.45
C VAL A 113 10.88 -11.89 -8.38
N ASN A 114 10.88 -12.70 -7.33
CA ASN A 114 11.84 -12.56 -6.24
C ASN A 114 12.52 -13.88 -5.95
N ARG A 115 13.80 -13.81 -5.55
CA ARG A 115 14.56 -15.00 -5.24
C ARG A 115 14.28 -15.47 -3.80
N ARG A 116 13.64 -16.63 -3.69
CA ARG A 116 13.31 -17.19 -2.39
C ARG A 116 14.13 -18.45 -2.11
N ARG A 117 14.61 -18.58 -0.88
CA ARG A 117 15.40 -19.74 -0.49
C ARG A 117 14.67 -21.04 -0.84
N MET A 1 -0.43 48.33 -19.80
CA MET A 1 0.31 49.28 -20.63
C MET A 1 1.75 48.83 -20.83
N ALA A 2 1.96 47.52 -20.86
CA ALA A 2 3.29 46.97 -21.04
C ALA A 2 3.24 45.45 -21.20
N ASP A 3 4.29 44.89 -21.79
CA ASP A 3 4.36 43.45 -22.01
C ASP A 3 5.81 42.98 -22.10
N PHE A 4 6.18 42.05 -21.24
CA PHE A 4 7.54 41.51 -21.21
C PHE A 4 7.54 40.02 -20.94
N ASP A 5 8.50 39.31 -21.52
CA ASP A 5 8.62 37.87 -21.33
C ASP A 5 10.06 37.46 -21.09
N ASN A 6 10.25 36.36 -20.37
CA ASN A 6 11.58 35.87 -20.05
C ASN A 6 11.96 34.70 -20.97
N LEU A 7 11.30 33.56 -20.75
CA LEU A 7 11.56 32.37 -21.55
C LEU A 7 10.47 32.18 -22.61
N PHE A 8 10.83 32.38 -23.87
CA PHE A 8 9.89 32.23 -24.97
C PHE A 8 9.42 30.79 -25.08
N ASP A 9 10.29 29.85 -24.70
CA ASP A 9 9.96 28.43 -24.77
C ASP A 9 10.96 27.61 -23.96
N ALA A 10 10.55 27.16 -22.79
CA ALA A 10 11.42 26.36 -21.92
C ALA A 10 10.72 25.07 -21.51
N ALA A 11 11.19 23.95 -22.05
CA ALA A 11 10.63 22.65 -21.74
C ALA A 11 10.98 22.22 -20.32
N ILE A 12 10.06 22.45 -19.39
CA ILE A 12 10.27 22.09 -18.00
C ILE A 12 9.19 21.13 -17.51
N ALA A 13 9.16 19.94 -18.09
CA ALA A 13 8.18 18.92 -17.71
C ALA A 13 8.43 17.62 -18.46
N ARG A 14 8.99 16.64 -17.76
CA ARG A 14 9.28 15.34 -18.36
C ARG A 14 7.99 14.55 -18.61
N ALA A 15 7.80 14.12 -19.85
CA ALA A 15 6.62 13.36 -20.22
C ALA A 15 6.70 11.92 -19.71
N ASP A 16 6.51 11.75 -18.41
CA ASP A 16 6.57 10.43 -17.79
C ASP A 16 5.43 10.26 -16.77
N GLU A 17 4.20 10.41 -17.25
CA GLU A 17 3.04 10.27 -16.37
C GLU A 17 3.06 11.32 -15.27
N THR A 18 3.20 12.58 -15.66
CA THR A 18 3.23 13.68 -14.70
C THR A 18 1.93 13.78 -13.93
N ILE A 19 1.82 14.79 -13.08
CA ILE A 19 0.62 14.99 -12.28
C ILE A 19 0.41 13.84 -11.29
N ARG A 20 1.48 13.46 -10.61
CA ARG A 20 1.42 12.38 -9.64
C ARG A 20 1.48 12.92 -8.22
N GLY A 21 2.60 13.56 -7.88
CA GLY A 21 2.75 14.11 -6.53
C GLY A 21 3.21 13.07 -5.53
N TYR A 22 3.45 13.52 -4.30
CA TYR A 22 3.90 12.63 -3.24
C TYR A 22 4.05 13.38 -1.93
N MET A 23 3.36 12.90 -0.90
CA MET A 23 3.42 13.53 0.43
C MET A 23 3.17 12.50 1.52
N GLY A 24 3.84 12.68 2.65
CA GLY A 24 3.69 11.76 3.76
C GLY A 24 4.38 10.44 3.52
N THR A 25 3.62 9.43 3.12
CA THR A 25 4.17 8.11 2.86
C THR A 25 3.90 7.67 1.42
N SER A 26 4.96 7.58 0.62
CA SER A 26 4.83 7.18 -0.78
C SER A 26 4.59 5.68 -0.89
N ALA A 27 3.49 5.31 -1.54
CA ALA A 27 3.14 3.90 -1.72
C ALA A 27 2.47 3.67 -3.06
N THR A 28 2.42 2.40 -3.48
CA THR A 28 1.81 2.05 -4.76
C THR A 28 0.83 0.89 -4.59
N ILE A 29 -0.42 1.23 -4.26
CA ILE A 29 -1.45 0.22 -4.07
C ILE A 29 -1.41 -0.84 -5.18
N THR A 30 -1.46 -2.10 -4.78
CA THR A 30 -1.41 -3.19 -5.74
C THR A 30 -2.09 -4.45 -5.17
N SER A 31 -3.32 -4.68 -5.59
CA SER A 31 -4.08 -5.84 -5.13
C SER A 31 -4.82 -6.51 -6.29
N GLY A 32 -4.06 -7.16 -7.16
CA GLY A 32 -4.66 -7.84 -8.30
C GLY A 32 -3.63 -8.53 -9.16
N GLU A 33 -4.09 -9.38 -10.08
CA GLU A 33 -3.21 -10.11 -10.96
C GLU A 33 -2.18 -9.18 -11.61
N GLN A 34 -2.53 -7.90 -11.68
CA GLN A 34 -1.65 -6.90 -12.27
C GLN A 34 -2.22 -5.50 -12.11
N SER A 35 -1.79 -4.80 -11.05
CA SER A 35 -2.27 -3.46 -10.78
C SER A 35 -1.15 -2.61 -10.17
N GLY A 36 -1.37 -1.29 -10.16
CA GLY A 36 -0.37 -0.38 -9.61
C GLY A 36 -0.81 1.06 -9.67
N ALA A 37 -1.50 1.52 -8.64
CA ALA A 37 -1.98 2.90 -8.58
C ALA A 37 -1.17 3.72 -7.59
N VAL A 38 -1.61 4.95 -7.34
CA VAL A 38 -0.92 5.83 -6.42
C VAL A 38 -1.60 5.84 -5.05
N ILE A 39 -0.86 5.45 -4.02
CA ILE A 39 -1.39 5.42 -2.66
C ILE A 39 -0.38 5.97 -1.66
N ARG A 40 -0.89 6.54 -0.57
CA ARG A 40 -0.03 7.11 0.46
C ARG A 40 -0.13 6.30 1.76
N GLY A 41 0.61 5.20 1.82
CA GLY A 41 0.59 4.36 3.00
C GLY A 41 1.97 3.83 3.37
N VAL A 42 2.27 3.83 4.66
CA VAL A 42 3.57 3.35 5.13
C VAL A 42 3.39 2.24 6.17
N PHE A 43 4.22 1.20 6.05
CA PHE A 43 4.16 0.08 6.97
C PHE A 43 5.12 0.27 8.14
N ASP A 44 4.66 -0.06 9.34
CA ASP A 44 5.49 0.07 10.53
C ASP A 44 5.72 -1.28 11.19
N ASP A 45 6.99 -1.63 11.39
CA ASP A 45 7.34 -2.89 12.02
C ASP A 45 7.90 -2.68 13.43
N PRO A 46 7.10 -3.00 14.45
CA PRO A 46 7.49 -2.85 15.85
C PRO A 46 8.57 -3.84 16.25
N GLU A 47 8.47 -5.06 15.74
CA GLU A 47 9.44 -6.11 16.06
C GLU A 47 9.89 -6.84 14.79
N ASN A 48 10.86 -6.27 14.10
CA ASN A 48 11.38 -6.86 12.87
C ASN A 48 11.94 -8.26 13.13
N ILE A 49 12.14 -9.01 12.06
CA ILE A 49 12.67 -10.37 12.17
C ILE A 49 14.17 -10.41 11.92
N SER A 50 14.82 -9.27 12.12
CA SER A 50 16.25 -9.16 11.90
C SER A 50 17.02 -9.95 12.97
N TYR A 51 17.45 -11.16 12.60
CA TYR A 51 18.20 -12.02 13.50
C TYR A 51 18.89 -13.14 12.75
N ALA A 52 19.94 -13.71 13.37
CA ALA A 52 20.68 -14.79 12.76
C ALA A 52 20.56 -16.08 13.58
N GLY A 53 19.96 -17.10 12.99
CA GLY A 53 19.79 -18.36 13.69
C GLY A 53 18.34 -18.66 14.00
N GLN A 54 17.56 -18.98 12.97
CA GLN A 54 16.14 -19.28 13.15
C GLN A 54 15.59 -19.99 11.91
N GLY A 55 14.70 -20.94 12.15
CA GLY A 55 14.10 -21.69 11.05
C GLY A 55 13.06 -22.69 11.53
N VAL A 56 12.38 -22.37 12.62
CA VAL A 56 11.36 -23.24 13.17
C VAL A 56 9.99 -22.95 12.55
N ARG A 57 9.45 -21.78 12.85
CA ARG A 57 8.15 -21.38 12.32
C ARG A 57 7.80 -19.96 12.76
N VAL A 58 7.57 -19.09 11.79
CA VAL A 58 7.22 -17.70 12.07
C VAL A 58 6.07 -17.61 13.07
N GLU A 59 6.23 -16.76 14.07
CA GLU A 59 5.20 -16.59 15.10
C GLU A 59 4.12 -15.62 14.61
N GLY A 60 4.44 -14.33 14.60
CA GLY A 60 3.49 -13.33 14.16
C GLY A 60 4.17 -12.13 13.52
N SER A 61 3.62 -11.67 12.40
CA SER A 61 4.17 -10.52 11.70
C SER A 61 3.06 -9.68 11.07
N SER A 62 2.78 -8.53 11.67
CA SER A 62 1.74 -7.64 11.17
C SER A 62 2.10 -6.18 11.45
N PRO A 63 2.65 -5.51 10.44
CA PRO A 63 3.06 -4.10 10.55
C PRO A 63 1.85 -3.16 10.64
N SER A 64 2.12 -1.88 10.84
CA SER A 64 1.07 -0.88 10.94
C SER A 64 1.06 0.04 9.73
N LEU A 65 -0.12 0.35 9.23
CA LEU A 65 -0.26 1.24 8.07
C LEU A 65 -1.03 2.50 8.44
N PHE A 66 -0.53 3.65 7.97
CA PHE A 66 -1.15 4.93 8.25
C PHE A 66 -1.62 5.60 6.97
N VAL A 67 -2.93 5.67 6.77
CA VAL A 67 -3.50 6.29 5.58
C VAL A 67 -4.73 7.11 5.93
N ARG A 68 -5.19 7.91 4.97
CA ARG A 68 -6.37 8.75 5.17
C ARG A 68 -7.59 8.15 4.48
N THR A 69 -8.76 8.34 5.09
CA THR A 69 -10.00 7.81 4.54
C THR A 69 -10.01 7.92 3.03
N ASP A 70 -9.92 9.14 2.52
CA ASP A 70 -9.92 9.37 1.08
C ASP A 70 -8.97 8.40 0.37
N GLU A 71 -7.79 8.22 0.94
CA GLU A 71 -6.79 7.32 0.36
C GLU A 71 -7.34 5.90 0.26
N VAL A 72 -8.02 5.46 1.32
CA VAL A 72 -8.59 4.12 1.35
C VAL A 72 -9.99 4.10 0.74
N ARG A 73 -10.47 5.28 0.36
CA ARG A 73 -11.79 5.40 -0.25
C ARG A 73 -11.73 5.14 -1.75
N GLN A 74 -10.71 5.69 -2.39
CA GLN A 74 -10.53 5.53 -3.83
C GLN A 74 -10.56 4.05 -4.21
N LEU A 75 -10.21 3.18 -3.27
CA LEU A 75 -10.20 1.75 -3.51
C LEU A 75 -11.35 1.07 -2.79
N ARG A 76 -11.33 -0.26 -2.76
CA ARG A 76 -12.37 -1.04 -2.10
C ARG A 76 -11.81 -1.83 -0.93
N ARG A 77 -12.54 -1.82 0.18
CA ARG A 77 -12.11 -2.54 1.38
C ARG A 77 -11.66 -3.95 1.04
N GLY A 78 -10.34 -4.15 0.99
CA GLY A 78 -9.80 -5.46 0.68
C GLY A 78 -8.70 -5.40 -0.36
N ASP A 79 -8.03 -4.25 -0.45
CA ASP A 79 -6.95 -4.07 -1.40
C ASP A 79 -5.61 -3.90 -0.69
N THR A 80 -4.68 -4.80 -0.97
CA THR A 80 -3.36 -4.75 -0.36
C THR A 80 -2.44 -3.77 -1.09
N LEU A 81 -1.91 -2.80 -0.36
CA LEU A 81 -1.02 -1.80 -0.95
C LEU A 81 0.44 -2.21 -0.76
N THR A 82 1.17 -2.29 -1.87
CA THR A 82 2.58 -2.67 -1.84
C THR A 82 3.48 -1.44 -1.71
N ILE A 83 4.01 -1.22 -0.52
CA ILE A 83 4.88 -0.08 -0.27
C ILE A 83 6.03 -0.46 0.66
N GLY A 84 7.25 -0.18 0.21
CA GLY A 84 8.43 -0.51 1.01
C GLY A 84 8.72 -1.99 1.02
N GLU A 85 7.72 -2.79 1.36
CA GLU A 85 7.90 -4.24 1.42
C GLU A 85 7.07 -4.93 0.33
N GLU A 86 5.79 -5.13 0.61
CA GLU A 86 4.89 -5.78 -0.35
C GLU A 86 3.45 -5.31 -0.13
N ASN A 87 2.62 -5.51 -1.16
CA ASN A 87 1.22 -5.11 -1.09
C ASN A 87 0.56 -5.65 0.17
N PHE A 88 0.03 -4.76 1.00
CA PHE A 88 -0.63 -5.15 2.24
C PHE A 88 -1.97 -4.46 2.38
N TRP A 89 -3.04 -5.24 2.49
CA TRP A 89 -4.39 -4.70 2.64
C TRP A 89 -4.66 -4.30 4.08
N VAL A 90 -5.17 -3.08 4.27
CA VAL A 90 -5.47 -2.58 5.60
C VAL A 90 -6.82 -3.10 6.08
N ASP A 91 -6.79 -3.92 7.14
CA ASP A 91 -8.01 -4.48 7.69
C ASP A 91 -9.12 -3.44 7.76
N ARG A 92 -8.91 -2.40 8.57
CA ARG A 92 -9.89 -1.34 8.73
C ARG A 92 -9.25 -0.08 9.29
N VAL A 93 -9.41 1.04 8.59
CA VAL A 93 -8.85 2.30 9.04
C VAL A 93 -9.95 3.31 9.37
N SER A 94 -10.07 3.63 10.65
CA SER A 94 -11.09 4.58 11.11
C SER A 94 -10.46 5.92 11.47
N PRO A 95 -10.67 6.92 10.60
CA PRO A 95 -10.12 8.26 10.81
C PRO A 95 -10.80 9.00 11.96
N ASP A 96 -10.14 10.01 12.49
CA ASP A 96 -10.69 10.79 13.60
C ASP A 96 -10.75 12.27 13.24
N ASP A 97 -10.25 12.60 12.06
CA ASP A 97 -10.25 13.99 11.60
C ASP A 97 -10.46 14.05 10.09
N GLY A 98 -11.36 13.21 9.58
CA GLY A 98 -11.63 13.19 8.15
C GLY A 98 -10.37 13.09 7.32
N GLY A 99 -9.64 11.99 7.51
CA GLY A 99 -8.41 11.79 6.76
C GLY A 99 -7.22 11.56 7.67
N SER A 100 -7.38 10.69 8.67
CA SER A 100 -6.31 10.39 9.60
C SER A 100 -6.56 9.07 10.31
N CYS A 101 -6.29 7.97 9.61
CA CYS A 101 -6.49 6.64 10.16
C CYS A 101 -5.24 5.78 9.98
N HIS A 102 -5.20 4.64 10.67
CA HIS A 102 -4.06 3.74 10.59
C HIS A 102 -4.39 2.39 11.22
N LEU A 103 -4.14 1.32 10.46
CA LEU A 103 -4.42 -0.03 10.94
C LEU A 103 -3.45 -1.04 10.32
N TRP A 104 -3.12 -2.08 11.08
CA TRP A 104 -2.21 -3.11 10.61
C TRP A 104 -2.80 -3.86 9.41
N LEU A 105 -2.13 -3.77 8.27
CA LEU A 105 -2.59 -4.44 7.07
C LEU A 105 -2.05 -5.87 6.99
N GLY A 106 -2.66 -6.69 6.13
CA GLY A 106 -2.23 -8.06 5.98
C GLY A 106 -1.13 -8.21 4.94
N ARG A 107 -0.40 -9.31 5.01
CA ARG A 107 0.68 -9.57 4.08
C ARG A 107 0.15 -9.78 2.66
N GLY A 108 1.01 -9.56 1.68
CA GLY A 108 0.60 -9.73 0.29
C GLY A 108 1.75 -9.52 -0.69
N VAL A 109 2.22 -10.60 -1.29
CA VAL A 109 3.31 -10.52 -2.24
C VAL A 109 2.79 -10.56 -3.68
N PRO A 110 3.32 -9.65 -4.52
CA PRO A 110 2.93 -9.56 -5.93
C PRO A 110 3.42 -10.75 -6.75
N PRO A 111 2.90 -10.87 -7.98
CA PRO A 111 3.27 -11.97 -8.88
C PRO A 111 4.71 -11.82 -9.40
N ALA A 112 5.27 -10.63 -9.23
CA ALA A 112 6.63 -10.36 -9.68
C ALA A 112 7.54 -10.01 -8.50
N VAL A 113 8.60 -10.79 -8.32
CA VAL A 113 9.54 -10.55 -7.22
C VAL A 113 10.93 -10.26 -7.76
N ASN A 114 11.53 -9.18 -7.29
CA ASN A 114 12.87 -8.79 -7.73
C ASN A 114 13.77 -8.53 -6.53
N ARG A 115 14.85 -9.32 -6.43
CA ARG A 115 15.79 -9.18 -5.33
C ARG A 115 17.15 -8.66 -5.83
N ARG A 116 17.65 -7.63 -5.17
CA ARG A 116 18.93 -7.04 -5.55
C ARG A 116 19.98 -7.25 -4.46
N ARG A 117 21.19 -7.59 -4.87
CA ARG A 117 22.28 -7.83 -3.93
C ARG A 117 23.62 -7.93 -4.65
N MET A 1 -18.81 -37.73 0.00
CA MET A 1 -20.05 -37.48 -0.74
C MET A 1 -20.87 -36.39 -0.08
N ALA A 2 -20.25 -35.23 0.12
CA ALA A 2 -20.92 -34.09 0.73
C ALA A 2 -20.96 -32.89 -0.21
N ASP A 3 -19.83 -32.61 -0.83
CA ASP A 3 -19.72 -31.49 -1.77
C ASP A 3 -20.82 -31.56 -2.81
N PHE A 4 -21.32 -30.39 -3.22
CA PHE A 4 -22.38 -30.31 -4.22
C PHE A 4 -21.88 -29.64 -5.49
N ASP A 5 -21.71 -28.32 -5.43
CA ASP A 5 -21.24 -27.55 -6.57
C ASP A 5 -20.81 -26.15 -6.14
N ASN A 6 -19.54 -25.83 -6.38
CA ASN A 6 -19.01 -24.51 -6.01
C ASN A 6 -17.56 -24.38 -6.45
N LEU A 7 -17.24 -23.25 -7.07
CA LEU A 7 -15.87 -23.00 -7.54
C LEU A 7 -15.34 -21.69 -6.97
N PHE A 8 -15.85 -20.57 -7.47
CA PHE A 8 -15.42 -19.27 -7.00
C PHE A 8 -16.42 -18.18 -7.42
N ASP A 9 -16.14 -16.95 -7.02
CA ASP A 9 -17.01 -15.83 -7.35
C ASP A 9 -16.24 -14.75 -8.11
N ALA A 10 -16.92 -13.64 -8.41
CA ALA A 10 -16.31 -12.54 -9.13
C ALA A 10 -16.83 -11.19 -8.63
N ALA A 11 -16.29 -10.11 -9.18
CA ALA A 11 -16.70 -8.77 -8.79
C ALA A 11 -16.88 -7.87 -10.02
N ILE A 12 -17.77 -6.90 -9.91
CA ILE A 12 -18.04 -5.97 -11.00
C ILE A 12 -18.08 -4.53 -10.50
N ALA A 13 -16.92 -4.02 -10.10
CA ALA A 13 -16.82 -2.65 -9.61
C ALA A 13 -15.47 -2.03 -9.95
N ARG A 14 -15.48 -0.75 -10.30
CA ARG A 14 -14.26 -0.05 -10.65
C ARG A 14 -14.53 1.44 -10.88
N ALA A 15 -13.92 2.29 -10.06
CA ALA A 15 -14.10 3.73 -10.18
C ALA A 15 -13.26 4.47 -9.15
N ASP A 16 -12.64 5.57 -9.57
CA ASP A 16 -11.81 6.37 -8.70
C ASP A 16 -11.34 7.64 -9.39
N GLU A 17 -10.76 8.55 -8.62
CA GLU A 17 -10.27 9.82 -9.17
C GLU A 17 -8.75 9.90 -9.07
N THR A 18 -8.21 11.07 -9.42
CA THR A 18 -6.77 11.27 -9.38
C THR A 18 -6.33 11.79 -8.01
N ILE A 19 -6.64 13.05 -7.73
CA ILE A 19 -6.28 13.66 -6.47
C ILE A 19 -4.78 13.54 -6.20
N ARG A 20 -3.99 14.39 -6.86
CA ARG A 20 -2.55 14.38 -6.70
C ARG A 20 -2.15 14.92 -5.33
N GLY A 21 -1.04 14.42 -4.80
CA GLY A 21 -0.57 14.88 -3.50
C GLY A 21 0.91 14.61 -3.30
N TYR A 22 1.35 14.65 -2.04
CA TYR A 22 2.75 14.42 -1.71
C TYR A 22 2.90 14.01 -0.25
N MET A 23 2.23 14.72 0.64
CA MET A 23 2.29 14.42 2.07
C MET A 23 1.98 12.96 2.33
N GLY A 24 2.64 12.39 3.34
CA GLY A 24 2.43 11.00 3.67
C GLY A 24 3.57 10.11 3.22
N THR A 25 3.27 8.83 3.03
CA THR A 25 4.28 7.86 2.59
C THR A 25 4.00 7.39 1.18
N SER A 26 5.04 7.29 0.37
CA SER A 26 4.91 6.85 -1.01
C SER A 26 4.62 5.34 -1.08
N ALA A 27 3.50 5.00 -1.70
CA ALA A 27 3.11 3.59 -1.83
C ALA A 27 2.47 3.34 -3.19
N THR A 28 2.41 2.06 -3.57
CA THR A 28 1.83 1.68 -4.85
C THR A 28 0.79 0.57 -4.67
N ILE A 29 -0.46 0.97 -4.43
CA ILE A 29 -1.54 0.01 -4.25
C ILE A 29 -1.48 -1.10 -5.29
N THR A 30 -1.57 -2.35 -4.82
CA THR A 30 -1.52 -3.49 -5.72
C THR A 30 -2.25 -4.68 -5.11
N SER A 31 -3.51 -4.88 -5.53
CA SER A 31 -4.31 -5.98 -5.02
C SER A 31 -5.10 -6.64 -6.16
N GLY A 32 -4.39 -7.36 -7.02
CA GLY A 32 -5.04 -8.02 -8.14
C GLY A 32 -4.05 -8.81 -8.98
N GLU A 33 -4.58 -9.65 -9.86
CA GLU A 33 -3.74 -10.46 -10.74
C GLU A 33 -2.69 -9.61 -11.43
N GLN A 34 -2.96 -8.31 -11.54
CA GLN A 34 -2.04 -7.38 -12.18
C GLN A 34 -2.53 -5.95 -12.04
N SER A 35 -2.05 -5.25 -11.02
CA SER A 35 -2.44 -3.87 -10.77
C SER A 35 -1.27 -3.06 -10.22
N GLY A 36 -1.41 -1.74 -10.23
CA GLY A 36 -0.37 -0.88 -9.72
C GLY A 36 -0.71 0.59 -9.86
N ALA A 37 -1.39 1.13 -8.86
CA ALA A 37 -1.78 2.53 -8.87
C ALA A 37 -0.98 3.34 -7.85
N VAL A 38 -1.35 4.60 -7.67
CA VAL A 38 -0.66 5.47 -6.72
C VAL A 38 -1.41 5.53 -5.39
N ILE A 39 -0.72 5.18 -4.32
CA ILE A 39 -1.32 5.21 -2.98
C ILE A 39 -0.35 5.77 -1.95
N ARG A 40 -0.90 6.41 -0.91
CA ARG A 40 -0.08 6.99 0.14
C ARG A 40 -0.21 6.19 1.43
N GLY A 41 0.51 5.08 1.52
CA GLY A 41 0.45 4.25 2.71
C GLY A 41 1.82 3.94 3.26
N VAL A 42 1.91 3.77 4.58
CA VAL A 42 3.18 3.46 5.22
C VAL A 42 3.06 2.24 6.11
N PHE A 43 4.08 1.38 6.08
CA PHE A 43 4.08 0.17 6.89
C PHE A 43 4.89 0.36 8.17
N ASP A 44 4.29 0.02 9.30
CA ASP A 44 4.96 0.17 10.59
C ASP A 44 5.34 -1.20 11.15
N ASP A 45 6.62 -1.38 11.45
CA ASP A 45 7.12 -2.63 11.99
C ASP A 45 7.77 -2.42 13.35
N PRO A 46 7.06 -2.85 14.41
CA PRO A 46 7.55 -2.71 15.80
C PRO A 46 8.73 -3.62 16.09
N GLU A 47 8.65 -4.85 15.60
CA GLU A 47 9.72 -5.83 15.81
C GLU A 47 9.85 -6.76 14.61
N ASN A 48 10.68 -6.37 13.64
CA ASN A 48 10.89 -7.17 12.45
C ASN A 48 11.50 -8.52 12.80
N ILE A 49 10.65 -9.55 12.85
CA ILE A 49 11.12 -10.90 13.18
C ILE A 49 10.27 -11.95 12.47
N SER A 50 10.60 -13.22 12.69
CA SER A 50 9.87 -14.32 12.08
C SER A 50 9.31 -15.26 13.15
N TYR A 51 8.23 -15.96 12.81
CA TYR A 51 7.60 -16.89 13.74
C TYR A 51 7.44 -18.27 13.10
N ALA A 52 6.51 -18.38 12.17
CA ALA A 52 6.26 -19.65 11.48
C ALA A 52 7.54 -20.22 10.89
N GLY A 53 7.48 -21.46 10.43
CA GLY A 53 8.64 -22.09 9.85
C GLY A 53 8.28 -23.15 8.83
N GLN A 54 8.58 -24.41 9.15
CA GLN A 54 8.28 -25.52 8.25
C GLN A 54 6.81 -25.51 7.84
N GLY A 55 6.53 -25.95 6.63
CA GLY A 55 5.16 -25.99 6.15
C GLY A 55 4.66 -24.62 5.71
N VAL A 56 4.67 -23.67 6.64
CA VAL A 56 4.20 -22.32 6.35
C VAL A 56 4.94 -21.74 5.14
N ARG A 57 4.24 -20.90 4.38
CA ARG A 57 4.81 -20.28 3.19
C ARG A 57 5.47 -18.95 3.54
N VAL A 58 4.91 -18.26 4.52
CA VAL A 58 5.44 -16.97 4.96
C VAL A 58 5.29 -16.79 6.46
N GLU A 59 6.33 -16.24 7.10
CA GLU A 59 6.31 -16.03 8.54
C GLU A 59 5.09 -15.21 8.95
N GLY A 60 4.90 -15.07 10.26
CA GLY A 60 3.76 -14.31 10.77
C GLY A 60 4.15 -12.90 11.16
N SER A 61 3.84 -11.93 10.30
CA SER A 61 4.15 -10.54 10.57
C SER A 61 3.11 -9.61 9.94
N SER A 62 2.60 -8.70 10.74
CA SER A 62 1.58 -7.75 10.26
C SER A 62 1.88 -6.34 10.78
N PRO A 63 2.53 -5.52 9.93
CA PRO A 63 2.87 -4.15 10.27
C PRO A 63 1.65 -3.24 10.36
N SER A 64 1.88 -1.95 10.52
CA SER A 64 0.80 -0.97 10.62
C SER A 64 0.68 -0.15 9.35
N LEU A 65 -0.54 0.26 9.03
CA LEU A 65 -0.79 1.06 7.82
C LEU A 65 -1.28 2.46 8.19
N PHE A 66 -0.64 3.47 7.62
CA PHE A 66 -1.01 4.85 7.89
C PHE A 66 -1.44 5.56 6.61
N VAL A 67 -2.75 5.77 6.47
CA VAL A 67 -3.30 6.43 5.30
C VAL A 67 -4.44 7.37 5.67
N ARG A 68 -4.92 8.14 4.70
CA ARG A 68 -6.00 9.08 4.94
C ARG A 68 -7.28 8.61 4.26
N THR A 69 -8.42 8.87 4.89
CA THR A 69 -9.71 8.47 4.35
C THR A 69 -9.75 8.64 2.84
N ASP A 70 -9.49 9.86 2.38
CA ASP A 70 -9.49 10.16 0.96
C ASP A 70 -8.76 9.07 0.17
N GLU A 71 -7.49 8.88 0.49
CA GLU A 71 -6.68 7.86 -0.18
C GLU A 71 -7.29 6.48 -0.02
N VAL A 72 -7.75 6.19 1.19
CA VAL A 72 -8.36 4.89 1.49
C VAL A 72 -9.82 4.87 1.07
N ARG A 73 -10.27 5.95 0.44
CA ARG A 73 -11.66 6.04 -0.02
C ARG A 73 -11.76 5.70 -1.50
N GLN A 74 -10.77 6.13 -2.28
CA GLN A 74 -10.76 5.87 -3.71
C GLN A 74 -10.64 4.37 -3.99
N LEU A 75 -10.30 3.61 -2.96
CA LEU A 75 -10.14 2.17 -3.09
C LEU A 75 -11.29 1.43 -2.42
N ARG A 76 -11.19 0.10 -2.37
CA ARG A 76 -12.23 -0.71 -1.76
C ARG A 76 -11.67 -1.50 -0.58
N ARG A 77 -12.54 -1.85 0.36
CA ARG A 77 -12.14 -2.59 1.55
C ARG A 77 -11.33 -3.83 1.16
N GLY A 78 -10.20 -4.03 1.82
CA GLY A 78 -9.36 -5.17 1.53
C GLY A 78 -8.38 -4.91 0.40
N ASP A 79 -7.77 -3.73 0.42
CA ASP A 79 -6.81 -3.35 -0.62
C ASP A 79 -5.38 -3.46 -0.10
N THR A 80 -4.65 -4.43 -0.62
CA THR A 80 -3.26 -4.65 -0.21
C THR A 80 -2.30 -3.81 -1.06
N LEU A 81 -1.73 -2.79 -0.46
CA LEU A 81 -0.79 -1.91 -1.15
C LEU A 81 0.66 -2.30 -0.84
N THR A 82 1.48 -2.36 -1.88
CA THR A 82 2.89 -2.72 -1.73
C THR A 82 3.76 -1.48 -1.56
N ILE A 83 4.14 -1.20 -0.32
CA ILE A 83 4.98 -0.04 -0.02
C ILE A 83 6.09 -0.40 0.96
N GLY A 84 7.31 -0.01 0.62
CA GLY A 84 8.45 -0.30 1.49
C GLY A 84 8.84 -1.77 1.46
N GLU A 85 7.88 -2.64 1.73
CA GLU A 85 8.12 -4.07 1.74
C GLU A 85 7.37 -4.77 0.62
N GLU A 86 6.08 -5.02 0.85
CA GLU A 86 5.25 -5.68 -0.15
C GLU A 86 3.77 -5.31 0.04
N ASN A 87 2.98 -5.51 -1.00
CA ASN A 87 1.56 -5.20 -0.95
C ASN A 87 0.91 -5.82 0.28
N PHE A 88 0.31 -4.98 1.11
CA PHE A 88 -0.35 -5.44 2.33
C PHE A 88 -1.76 -4.85 2.44
N TRP A 89 -2.75 -5.73 2.50
CA TRP A 89 -4.14 -5.31 2.62
C TRP A 89 -4.48 -4.92 4.05
N VAL A 90 -5.18 -3.81 4.23
CA VAL A 90 -5.57 -3.35 5.55
C VAL A 90 -6.96 -3.86 5.92
N ASP A 91 -7.10 -4.29 7.18
CA ASP A 91 -8.38 -4.80 7.66
C ASP A 91 -9.44 -3.70 7.68
N ARG A 92 -9.29 -2.76 8.61
CA ARG A 92 -10.24 -1.66 8.73
C ARG A 92 -9.56 -0.43 9.33
N VAL A 93 -9.58 0.67 8.59
CA VAL A 93 -8.96 1.91 9.05
C VAL A 93 -9.98 3.04 9.11
N SER A 94 -9.94 3.83 10.17
CA SER A 94 -10.86 4.95 10.34
C SER A 94 -10.13 6.17 10.86
N PRO A 95 -10.33 7.31 10.17
CA PRO A 95 -9.70 8.59 10.54
C PRO A 95 -10.26 9.16 11.83
N ASP A 96 -9.52 10.06 12.45
CA ASP A 96 -9.94 10.69 13.69
C ASP A 96 -10.09 12.20 13.51
N ASP A 97 -9.36 12.75 12.55
CA ASP A 97 -9.42 14.18 12.28
C ASP A 97 -8.45 14.56 11.16
N GLY A 98 -8.91 14.43 9.92
CA GLY A 98 -8.07 14.77 8.79
C GLY A 98 -7.45 13.54 8.15
N GLY A 99 -8.30 12.58 7.75
CA GLY A 99 -7.80 11.37 7.13
C GLY A 99 -6.54 10.86 7.79
N SER A 100 -6.69 10.22 8.95
CA SER A 100 -5.55 9.68 9.68
C SER A 100 -5.74 8.20 9.98
N CYS A 101 -6.74 7.60 9.34
CA CYS A 101 -7.03 6.18 9.54
C CYS A 101 -5.77 5.34 9.46
N HIS A 102 -5.68 4.32 10.30
CA HIS A 102 -4.52 3.45 10.33
C HIS A 102 -4.86 2.11 10.98
N LEU A 103 -4.53 1.02 10.31
CA LEU A 103 -4.79 -0.32 10.83
C LEU A 103 -3.76 -1.32 10.32
N TRP A 104 -3.46 -2.32 11.14
CA TRP A 104 -2.50 -3.35 10.77
C TRP A 104 -2.98 -4.15 9.57
N LEU A 105 -2.22 -4.09 8.48
CA LEU A 105 -2.58 -4.81 7.26
C LEU A 105 -1.88 -6.17 7.21
N GLY A 106 -2.39 -7.05 6.35
CA GLY A 106 -1.81 -8.37 6.23
C GLY A 106 -0.73 -8.43 5.16
N ARG A 107 0.12 -9.44 5.23
CA ARG A 107 1.20 -9.61 4.27
C ARG A 107 0.66 -9.90 2.88
N GLY A 108 1.46 -9.61 1.86
CA GLY A 108 1.03 -9.85 0.49
C GLY A 108 2.14 -9.62 -0.51
N VAL A 109 2.63 -10.70 -1.11
CA VAL A 109 3.70 -10.60 -2.10
C VAL A 109 3.16 -10.28 -3.48
N PRO A 110 3.80 -9.32 -4.16
CA PRO A 110 3.39 -8.89 -5.50
C PRO A 110 3.67 -9.95 -6.56
N PRO A 111 3.11 -9.76 -7.76
CA PRO A 111 3.28 -10.69 -8.87
C PRO A 111 4.71 -10.68 -9.43
N ALA A 112 5.51 -9.74 -8.96
CA ALA A 112 6.89 -9.63 -9.41
C ALA A 112 7.67 -10.90 -9.08
N VAL A 113 8.81 -11.08 -9.77
CA VAL A 113 9.64 -12.25 -9.56
C VAL A 113 10.73 -11.97 -8.53
N ASN A 114 10.78 -12.78 -7.49
CA ASN A 114 11.79 -12.63 -6.43
C ASN A 114 12.51 -13.95 -6.17
N ARG A 115 13.80 -13.85 -5.84
CA ARG A 115 14.61 -15.03 -5.56
C ARG A 115 14.41 -15.50 -4.13
N ARG A 116 13.63 -16.57 -3.96
CA ARG A 116 13.36 -17.12 -2.63
C ARG A 116 13.94 -18.52 -2.50
N ARG A 117 14.55 -18.80 -1.34
CA ARG A 117 15.14 -20.09 -1.09
C ARG A 117 14.15 -21.22 -1.37
N MET A 1 -12.26 33.13 6.48
CA MET A 1 -12.94 34.29 5.94
C MET A 1 -11.95 35.42 5.66
N ALA A 2 -11.97 35.93 4.43
CA ALA A 2 -11.08 37.02 4.03
C ALA A 2 -9.63 36.67 4.34
N ASP A 3 -9.23 35.45 3.96
CA ASP A 3 -7.86 35.00 4.19
C ASP A 3 -7.15 34.73 2.87
N PHE A 4 -5.83 34.91 2.86
CA PHE A 4 -5.03 34.69 1.66
C PHE A 4 -3.54 34.74 1.99
N ASP A 5 -2.75 34.00 1.21
CA ASP A 5 -1.31 33.95 1.42
C ASP A 5 -0.59 33.62 0.12
N ASN A 6 0.68 33.99 0.03
CA ASN A 6 1.48 33.73 -1.16
C ASN A 6 2.94 34.12 -0.94
N LEU A 7 3.85 33.32 -1.46
CA LEU A 7 5.28 33.58 -1.32
C LEU A 7 5.88 34.05 -2.64
N PHE A 8 7.14 34.50 -2.59
CA PHE A 8 7.82 34.98 -3.78
C PHE A 8 9.19 34.31 -3.93
N ASP A 9 9.18 32.98 -4.00
CA ASP A 9 10.42 32.23 -4.14
C ASP A 9 10.42 31.43 -5.44
N ALA A 10 11.47 31.59 -6.23
CA ALA A 10 11.60 30.89 -7.51
C ALA A 10 11.81 29.40 -7.27
N ALA A 11 11.07 28.58 -8.02
CA ALA A 11 11.18 27.13 -7.90
C ALA A 11 10.54 26.44 -9.09
N ILE A 12 10.84 25.16 -9.26
CA ILE A 12 10.30 24.38 -10.38
C ILE A 12 9.60 23.11 -9.87
N ALA A 13 8.52 23.30 -9.11
CA ALA A 13 7.77 22.18 -8.56
C ALA A 13 6.29 22.50 -8.50
N ARG A 14 5.70 22.85 -9.64
CA ARG A 14 4.29 23.18 -9.71
C ARG A 14 3.49 22.05 -10.35
N ALA A 15 2.19 22.25 -10.48
CA ALA A 15 1.32 21.24 -11.08
C ALA A 15 -0.08 21.79 -11.30
N ASP A 16 -0.60 21.61 -12.52
CA ASP A 16 -1.93 22.09 -12.86
C ASP A 16 -2.98 20.99 -12.64
N GLU A 17 -2.92 20.36 -11.48
CA GLU A 17 -3.86 19.28 -11.15
C GLU A 17 -4.69 19.65 -9.93
N THR A 18 -5.46 18.69 -9.43
CA THR A 18 -6.31 18.92 -8.27
C THR A 18 -5.48 18.96 -6.99
N ILE A 19 -6.16 19.12 -5.85
CA ILE A 19 -5.48 19.18 -4.56
C ILE A 19 -5.86 17.99 -3.69
N ARG A 20 -5.32 16.82 -4.03
CA ARG A 20 -5.60 15.60 -3.28
C ARG A 20 -4.37 15.15 -2.50
N GLY A 21 -3.31 14.79 -3.22
CA GLY A 21 -2.09 14.34 -2.58
C GLY A 21 -1.34 15.47 -1.89
N TYR A 22 -0.79 15.20 -0.71
CA TYR A 22 -0.05 16.20 0.04
C TYR A 22 1.39 15.75 0.30
N MET A 23 1.53 14.70 1.11
CA MET A 23 2.84 14.17 1.44
C MET A 23 2.72 12.92 2.31
N GLY A 24 3.86 12.27 2.56
CA GLY A 24 3.85 11.06 3.37
C GLY A 24 4.76 9.99 2.81
N THR A 25 4.33 8.73 2.93
CA THR A 25 5.11 7.61 2.45
C THR A 25 4.65 7.18 1.06
N SER A 26 5.58 7.11 0.12
CA SER A 26 5.27 6.71 -1.25
C SER A 26 4.93 5.22 -1.31
N ALA A 27 3.74 4.93 -1.83
CA ALA A 27 3.28 3.55 -1.95
C ALA A 27 2.66 3.29 -3.32
N THR A 28 2.54 2.02 -3.69
CA THR A 28 1.97 1.65 -4.97
C THR A 28 0.88 0.60 -4.80
N ILE A 29 -0.34 1.05 -4.53
CA ILE A 29 -1.47 0.14 -4.34
C ILE A 29 -1.49 -0.94 -5.42
N THR A 30 -1.55 -2.20 -4.98
CA THR A 30 -1.57 -3.33 -5.90
C THR A 30 -2.30 -4.52 -5.29
N SER A 31 -3.58 -4.66 -5.65
CA SER A 31 -4.39 -5.77 -5.13
C SER A 31 -5.23 -6.40 -6.25
N GLY A 32 -4.55 -7.10 -7.15
CA GLY A 32 -5.25 -7.74 -8.25
C GLY A 32 -4.31 -8.51 -9.16
N GLU A 33 -4.88 -9.32 -10.06
CA GLU A 33 -4.08 -10.11 -10.98
C GLU A 33 -3.02 -9.25 -11.67
N GLN A 34 -3.27 -7.95 -11.72
CA GLN A 34 -2.34 -7.01 -12.35
C GLN A 34 -2.80 -5.58 -12.16
N SER A 35 -2.27 -4.92 -11.14
CA SER A 35 -2.63 -3.54 -10.85
C SER A 35 -1.43 -2.77 -10.30
N GLY A 36 -1.53 -1.44 -10.28
CA GLY A 36 -0.46 -0.62 -9.78
C GLY A 36 -0.74 0.87 -9.92
N ALA A 37 -1.39 1.44 -8.92
CA ALA A 37 -1.73 2.86 -8.93
C ALA A 37 -0.87 3.65 -7.95
N VAL A 38 -1.22 4.91 -7.74
CA VAL A 38 -0.47 5.76 -6.82
C VAL A 38 -1.16 5.85 -5.47
N ILE A 39 -0.46 5.42 -4.42
CA ILE A 39 -1.00 5.45 -3.08
C ILE A 39 0.05 5.90 -2.07
N ARG A 40 -0.40 6.50 -0.98
CA ARG A 40 0.50 6.98 0.06
C ARG A 40 0.30 6.21 1.36
N GLY A 41 0.92 5.03 1.44
CA GLY A 41 0.79 4.22 2.64
C GLY A 41 2.08 4.12 3.41
N VAL A 42 1.97 4.03 4.74
CA VAL A 42 3.14 3.93 5.61
C VAL A 42 3.06 2.70 6.50
N PHE A 43 3.96 1.74 6.25
CA PHE A 43 3.99 0.52 7.04
C PHE A 43 4.85 0.69 8.28
N ASP A 44 4.32 0.28 9.42
CA ASP A 44 5.03 0.38 10.69
C ASP A 44 5.01 -0.95 11.44
N ASP A 45 6.20 -1.43 11.79
CA ASP A 45 6.32 -2.69 12.52
C ASP A 45 6.59 -2.44 13.99
N PRO A 46 6.18 -3.41 14.84
CA PRO A 46 6.37 -3.32 16.29
C PRO A 46 7.83 -3.45 16.70
N GLU A 47 8.55 -4.32 16.00
CA GLU A 47 9.97 -4.55 16.29
C GLU A 47 10.84 -3.63 15.44
N ASN A 48 10.73 -2.33 15.67
CA ASN A 48 11.51 -1.35 14.92
C ASN A 48 12.81 -1.01 15.66
N ILE A 49 13.93 -1.18 14.97
CA ILE A 49 15.24 -0.88 15.56
C ILE A 49 16.21 -0.36 14.51
N SER A 50 16.97 0.66 14.88
CA SER A 50 17.95 1.25 13.97
C SER A 50 17.33 1.49 12.59
N TYR A 51 16.07 1.93 12.59
CA TYR A 51 15.36 2.20 11.34
C TYR A 51 16.13 3.17 10.47
N ALA A 52 16.93 4.03 11.11
CA ALA A 52 17.73 5.02 10.40
C ALA A 52 19.16 4.53 10.20
N GLY A 53 19.31 3.26 9.87
CA GLY A 53 20.62 2.69 9.67
C GLY A 53 20.63 1.60 8.61
N GLN A 54 20.34 0.38 9.02
CA GLN A 54 20.31 -0.75 8.09
C GLN A 54 19.86 -2.03 8.80
N GLY A 55 18.85 -2.68 8.23
CA GLY A 55 18.33 -3.90 8.82
C GLY A 55 17.88 -4.90 7.78
N VAL A 56 18.81 -5.76 7.35
CA VAL A 56 18.50 -6.77 6.34
C VAL A 56 17.91 -8.03 6.99
N ARG A 57 16.68 -7.92 7.47
CA ARG A 57 16.00 -9.05 8.10
C ARG A 57 14.57 -8.67 8.50
N VAL A 58 13.67 -9.64 8.40
CA VAL A 58 12.27 -9.41 8.74
C VAL A 58 11.64 -10.69 9.31
N GLU A 59 10.73 -10.50 10.27
CA GLU A 59 10.05 -11.63 10.90
C GLU A 59 8.57 -11.63 10.55
N GLY A 60 7.81 -12.51 11.19
CA GLY A 60 6.38 -12.60 10.94
C GLY A 60 5.58 -11.68 11.85
N SER A 61 5.17 -10.53 11.33
CA SER A 61 4.39 -9.57 12.10
C SER A 61 3.46 -8.78 11.19
N SER A 62 2.43 -8.19 11.79
CA SER A 62 1.45 -7.40 11.04
C SER A 62 1.65 -5.91 11.30
N PRO A 63 2.37 -5.24 10.38
CA PRO A 63 2.65 -3.81 10.50
C PRO A 63 1.39 -2.96 10.27
N SER A 64 1.50 -1.67 10.57
CA SER A 64 0.38 -0.75 10.41
C SER A 64 0.58 0.15 9.20
N LEU A 65 -0.51 0.44 8.48
CA LEU A 65 -0.45 1.28 7.30
C LEU A 65 -1.14 2.61 7.55
N PHE A 66 -0.41 3.71 7.35
CA PHE A 66 -0.95 5.05 7.55
C PHE A 66 -1.49 5.62 6.25
N VAL A 67 -2.81 5.78 6.17
CA VAL A 67 -3.44 6.31 4.99
C VAL A 67 -4.59 7.25 5.35
N ARG A 68 -5.08 8.00 4.37
CA ARG A 68 -6.18 8.93 4.59
C ARG A 68 -7.52 8.30 4.19
N THR A 69 -8.50 8.43 5.06
CA THR A 69 -9.83 7.87 4.80
C THR A 69 -10.27 8.17 3.38
N ASP A 70 -9.93 9.36 2.88
CA ASP A 70 -10.30 9.76 1.54
C ASP A 70 -9.74 8.79 0.51
N GLU A 71 -8.42 8.84 0.31
CA GLU A 71 -7.76 7.96 -0.65
C GLU A 71 -8.05 6.50 -0.34
N VAL A 72 -8.10 6.17 0.95
CA VAL A 72 -8.38 4.80 1.37
C VAL A 72 -9.81 4.41 1.06
N ARG A 73 -10.70 5.40 0.97
CA ARG A 73 -12.10 5.14 0.68
C ARG A 73 -12.30 4.83 -0.80
N GLN A 74 -11.56 5.53 -1.66
CA GLN A 74 -11.66 5.32 -3.10
C GLN A 74 -11.42 3.86 -3.46
N LEU A 75 -10.62 3.18 -2.63
CA LEU A 75 -10.32 1.77 -2.86
C LEU A 75 -11.36 0.87 -2.22
N ARG A 76 -11.13 -0.44 -2.29
CA ARG A 76 -12.07 -1.40 -1.72
C ARG A 76 -11.46 -2.07 -0.48
N ARG A 77 -12.29 -2.25 0.54
CA ARG A 77 -11.83 -2.88 1.79
C ARG A 77 -11.06 -4.16 1.50
N GLY A 78 -9.75 -4.11 1.70
CA GLY A 78 -8.91 -5.27 1.46
C GLY A 78 -7.86 -5.02 0.40
N ASP A 79 -7.71 -3.76 0.01
CA ASP A 79 -6.72 -3.39 -1.00
C ASP A 79 -5.31 -3.46 -0.43
N THR A 80 -4.54 -4.45 -0.88
CA THR A 80 -3.18 -4.63 -0.42
C THR A 80 -2.20 -3.77 -1.23
N LEU A 81 -1.65 -2.74 -0.59
CA LEU A 81 -0.71 -1.85 -1.24
C LEU A 81 0.74 -2.24 -0.94
N THR A 82 1.57 -2.32 -1.96
CA THR A 82 2.96 -2.69 -1.80
C THR A 82 3.83 -1.45 -1.59
N ILE A 83 4.22 -1.20 -0.35
CA ILE A 83 5.06 -0.05 -0.03
C ILE A 83 6.12 -0.41 1.01
N GLY A 84 7.35 -0.04 0.72
CA GLY A 84 8.45 -0.34 1.64
C GLY A 84 8.89 -1.78 1.57
N GLU A 85 7.92 -2.69 1.70
CA GLU A 85 8.22 -4.12 1.64
C GLU A 85 7.45 -4.81 0.52
N GLU A 86 6.17 -5.05 0.75
CA GLU A 86 5.32 -5.70 -0.25
C GLU A 86 3.86 -5.28 -0.08
N ASN A 87 3.06 -5.49 -1.12
CA ASN A 87 1.65 -5.15 -1.07
C ASN A 87 0.98 -5.74 0.16
N PHE A 88 0.39 -4.86 0.97
CA PHE A 88 -0.29 -5.29 2.19
C PHE A 88 -1.67 -4.66 2.30
N TRP A 89 -2.70 -5.49 2.33
CA TRP A 89 -4.07 -5.02 2.43
C TRP A 89 -4.43 -4.70 3.88
N VAL A 90 -5.05 -3.54 4.10
CA VAL A 90 -5.44 -3.12 5.43
C VAL A 90 -6.90 -3.48 5.71
N ASP A 91 -7.17 -3.94 6.92
CA ASP A 91 -8.53 -4.32 7.31
C ASP A 91 -9.48 -3.12 7.17
N ARG A 92 -9.36 -2.19 8.11
CA ARG A 92 -10.21 -0.99 8.09
C ARG A 92 -9.71 0.03 9.12
N VAL A 93 -9.39 1.23 8.63
CA VAL A 93 -8.91 2.31 9.49
C VAL A 93 -9.99 3.35 9.72
N SER A 94 -10.09 3.83 10.96
CA SER A 94 -11.08 4.83 11.32
C SER A 94 -10.43 6.00 12.07
N PRO A 95 -10.11 7.07 11.34
CA PRO A 95 -9.48 8.26 11.91
C PRO A 95 -10.44 9.04 12.80
N ASP A 96 -10.05 10.26 13.15
CA ASP A 96 -10.88 11.11 14.02
C ASP A 96 -10.93 12.53 13.48
N ASP A 97 -10.34 12.74 12.30
CA ASP A 97 -10.32 14.06 11.68
C ASP A 97 -10.07 13.95 10.17
N GLY A 98 -11.12 14.14 9.38
CA GLY A 98 -10.99 14.05 7.94
C GLY A 98 -10.60 12.66 7.47
N GLY A 99 -9.30 12.42 7.38
CA GLY A 99 -8.83 11.13 6.93
C GLY A 99 -7.37 10.90 7.26
N SER A 100 -7.10 10.38 8.46
CA SER A 100 -5.73 10.14 8.89
C SER A 100 -5.69 9.04 9.95
N CYS A 101 -5.78 7.79 9.51
CA CYS A 101 -5.76 6.66 10.43
C CYS A 101 -4.78 5.58 9.94
N HIS A 102 -4.79 4.44 10.60
CA HIS A 102 -3.90 3.33 10.24
C HIS A 102 -4.28 2.06 10.99
N LEU A 103 -4.24 0.94 10.29
CA LEU A 103 -4.59 -0.35 10.89
C LEU A 103 -3.63 -1.44 10.42
N TRP A 104 -3.50 -2.49 11.22
CA TRP A 104 -2.62 -3.61 10.87
C TRP A 104 -3.11 -4.32 9.61
N LEU A 105 -2.36 -4.17 8.53
CA LEU A 105 -2.71 -4.80 7.26
C LEU A 105 -2.07 -6.18 7.14
N GLY A 106 -2.58 -6.99 6.22
CA GLY A 106 -2.05 -8.32 6.01
C GLY A 106 -0.91 -8.33 5.01
N ARG A 107 -0.07 -9.37 5.08
CA ARG A 107 1.06 -9.50 4.17
C ARG A 107 0.58 -9.83 2.76
N GLY A 108 1.42 -9.51 1.77
CA GLY A 108 1.06 -9.78 0.39
C GLY A 108 2.23 -9.58 -0.55
N VAL A 109 2.76 -10.69 -1.08
CA VAL A 109 3.89 -10.63 -2.00
C VAL A 109 3.41 -10.52 -3.45
N PRO A 110 4.03 -9.62 -4.21
CA PRO A 110 3.69 -9.40 -5.62
C PRO A 110 4.11 -10.57 -6.51
N PRO A 111 3.65 -10.56 -7.77
CA PRO A 111 3.97 -11.61 -8.74
C PRO A 111 5.42 -11.57 -9.16
N ALA A 112 6.13 -10.52 -8.77
CA ALA A 112 7.54 -10.37 -9.11
C ALA A 112 8.44 -10.73 -7.92
N VAL A 113 9.02 -11.92 -7.97
CA VAL A 113 9.90 -12.38 -6.90
C VAL A 113 11.21 -12.92 -7.46
N ASN A 114 12.31 -12.61 -6.78
CA ASN A 114 13.62 -13.07 -7.21
C ASN A 114 14.08 -14.28 -6.40
N ARG A 115 14.18 -15.42 -7.07
CA ARG A 115 14.60 -16.66 -6.42
C ARG A 115 15.96 -17.11 -6.93
N ARG A 116 16.73 -17.76 -6.06
CA ARG A 116 18.05 -18.24 -6.43
C ARG A 116 18.11 -19.76 -6.38
N ARG A 117 18.75 -20.36 -7.37
CA ARG A 117 18.88 -21.82 -7.44
C ARG A 117 19.43 -22.37 -6.12
N MET A 1 -51.08 -16.35 -6.79
CA MET A 1 -51.00 -17.80 -6.75
C MET A 1 -49.56 -18.28 -6.83
N ALA A 2 -48.70 -17.72 -5.98
CA ALA A 2 -47.30 -18.09 -5.95
C ALA A 2 -47.03 -19.15 -4.88
N ASP A 3 -46.32 -20.20 -5.26
CA ASP A 3 -45.99 -21.28 -4.34
C ASP A 3 -44.48 -21.44 -4.20
N PHE A 4 -43.77 -21.19 -5.28
CA PHE A 4 -42.31 -21.31 -5.28
C PHE A 4 -41.66 -20.03 -5.83
N ASP A 5 -40.56 -19.64 -5.20
CA ASP A 5 -39.84 -18.44 -5.63
C ASP A 5 -38.33 -18.67 -5.62
N ASN A 6 -37.57 -17.65 -6.00
CA ASN A 6 -36.12 -17.75 -6.05
C ASN A 6 -35.48 -16.37 -6.14
N LEU A 7 -34.19 -16.30 -5.84
CA LEU A 7 -33.46 -15.04 -5.89
C LEU A 7 -32.03 -15.25 -6.37
N PHE A 8 -31.23 -14.18 -6.35
CA PHE A 8 -29.85 -14.25 -6.79
C PHE A 8 -29.04 -13.09 -6.24
N ASP A 9 -27.74 -13.11 -6.49
CA ASP A 9 -26.85 -12.05 -6.01
C ASP A 9 -26.37 -11.17 -7.17
N ALA A 10 -25.55 -10.19 -6.85
CA ALA A 10 -25.01 -9.28 -7.86
C ALA A 10 -23.59 -8.86 -7.53
N ALA A 11 -23.07 -7.89 -8.28
CA ALA A 11 -21.72 -7.39 -8.05
C ALA A 11 -21.73 -6.16 -7.15
N ILE A 12 -20.60 -5.91 -6.50
CA ILE A 12 -20.48 -4.76 -5.60
C ILE A 12 -19.11 -4.10 -5.75
N ALA A 13 -18.93 -3.38 -6.86
CA ALA A 13 -17.67 -2.69 -7.12
C ALA A 13 -17.90 -1.45 -7.98
N ARG A 14 -16.94 -0.54 -7.95
CA ARG A 14 -17.03 0.70 -8.72
C ARG A 14 -15.73 1.48 -8.67
N ALA A 15 -15.69 2.61 -9.36
CA ALA A 15 -14.51 3.46 -9.39
C ALA A 15 -14.87 4.93 -9.25
N ASP A 16 -13.86 5.79 -9.37
CA ASP A 16 -14.08 7.23 -9.27
C ASP A 16 -12.90 8.01 -9.86
N GLU A 17 -12.97 9.33 -9.78
CA GLU A 17 -11.92 10.18 -10.30
C GLU A 17 -11.06 10.74 -9.17
N THR A 18 -9.75 10.79 -9.40
CA THR A 18 -8.82 11.30 -8.39
C THR A 18 -9.22 12.70 -7.95
N ILE A 19 -8.58 13.19 -6.88
CA ILE A 19 -8.87 14.51 -6.36
C ILE A 19 -7.63 15.40 -6.41
N ARG A 20 -6.53 14.85 -6.91
CA ARG A 20 -5.28 15.60 -7.02
C ARG A 20 -4.79 16.04 -5.65
N GLY A 21 -3.89 15.25 -5.06
CA GLY A 21 -3.37 15.58 -3.74
C GLY A 21 -2.81 14.37 -3.02
N TYR A 22 -1.54 14.45 -2.64
CA TYR A 22 -0.89 13.35 -1.94
C TYR A 22 0.55 13.71 -1.57
N MET A 23 0.97 13.31 -0.37
CA MET A 23 2.32 13.58 0.09
C MET A 23 2.55 13.01 1.48
N GLY A 24 3.71 12.38 1.68
CA GLY A 24 4.03 11.79 2.96
C GLY A 24 4.54 10.37 2.83
N THR A 25 3.62 9.40 2.90
CA THR A 25 3.97 8.00 2.78
C THR A 25 3.86 7.51 1.34
N SER A 26 5.00 7.26 0.72
CA SER A 26 5.03 6.79 -0.67
C SER A 26 4.66 5.32 -0.74
N ALA A 27 3.62 5.01 -1.51
CA ALA A 27 3.16 3.64 -1.68
C ALA A 27 2.50 3.44 -3.03
N THR A 28 2.38 2.18 -3.45
CA THR A 28 1.76 1.85 -4.73
C THR A 28 0.73 0.74 -4.58
N ILE A 29 -0.51 1.13 -4.30
CA ILE A 29 -1.59 0.17 -4.13
C ILE A 29 -1.54 -0.91 -5.21
N THR A 30 -1.61 -2.17 -4.78
CA THR A 30 -1.57 -3.30 -5.70
C THR A 30 -2.27 -4.51 -5.12
N SER A 31 -3.52 -4.72 -5.55
CA SER A 31 -4.31 -5.84 -5.06
C SER A 31 -5.11 -6.47 -6.19
N GLY A 32 -4.42 -7.18 -7.08
CA GLY A 32 -5.08 -7.82 -8.21
C GLY A 32 -4.12 -8.59 -9.08
N GLU A 33 -4.67 -9.42 -9.97
CA GLU A 33 -3.85 -10.21 -10.87
C GLU A 33 -2.80 -9.35 -11.57
N GLN A 34 -3.08 -8.05 -11.65
CA GLN A 34 -2.16 -7.12 -12.30
C GLN A 34 -2.64 -5.68 -12.14
N SER A 35 -2.16 -5.01 -11.10
CA SER A 35 -2.55 -3.63 -10.84
C SER A 35 -1.39 -2.84 -10.24
N GLY A 36 -1.52 -1.52 -10.23
CA GLY A 36 -0.47 -0.68 -9.68
C GLY A 36 -0.82 0.81 -9.77
N ALA A 37 -1.52 1.32 -8.77
CA ALA A 37 -1.91 2.71 -8.74
C ALA A 37 -1.07 3.50 -7.74
N VAL A 38 -1.45 4.75 -7.50
CA VAL A 38 -0.73 5.60 -6.56
C VAL A 38 -1.45 5.67 -5.21
N ILE A 39 -0.73 5.29 -4.16
CA ILE A 39 -1.29 5.30 -2.81
C ILE A 39 -0.31 5.88 -1.80
N ARG A 40 -0.84 6.50 -0.76
CA ARG A 40 0.00 7.09 0.27
C ARG A 40 -0.12 6.32 1.59
N GLY A 41 0.62 5.22 1.69
CA GLY A 41 0.59 4.41 2.90
C GLY A 41 1.96 3.88 3.27
N VAL A 42 2.22 3.82 4.58
CA VAL A 42 3.50 3.33 5.08
C VAL A 42 3.30 2.22 6.11
N PHE A 43 4.18 1.22 6.08
CA PHE A 43 4.09 0.11 7.01
C PHE A 43 4.91 0.40 8.28
N ASP A 44 4.33 0.10 9.43
CA ASP A 44 4.99 0.33 10.70
C ASP A 44 5.14 -0.97 11.48
N ASP A 45 6.38 -1.29 11.86
CA ASP A 45 6.66 -2.52 12.61
C ASP A 45 6.84 -2.22 14.09
N PRO A 46 6.55 -3.22 14.94
CA PRO A 46 6.69 -3.08 16.39
C PRO A 46 8.14 -2.98 16.84
N GLU A 47 9.02 -3.71 16.14
CA GLU A 47 10.44 -3.71 16.47
C GLU A 47 10.68 -4.29 17.87
N ASN A 48 10.24 -5.52 18.07
CA ASN A 48 10.41 -6.19 19.35
C ASN A 48 10.61 -7.69 19.18
N ILE A 49 10.58 -8.43 20.28
CA ILE A 49 10.75 -9.87 20.24
C ILE A 49 9.80 -10.58 21.19
N SER A 50 8.71 -9.89 21.53
CA SER A 50 7.71 -10.45 22.44
C SER A 50 6.83 -11.48 21.72
N TYR A 51 7.03 -12.75 22.05
CA TYR A 51 6.26 -13.82 21.44
C TYR A 51 6.33 -15.09 22.29
N ALA A 52 5.64 -16.13 21.85
CA ALA A 52 5.61 -17.40 22.56
C ALA A 52 5.39 -18.57 21.60
N GLY A 53 5.50 -19.79 22.13
CA GLY A 53 5.29 -20.97 21.31
C GLY A 53 6.40 -21.99 21.48
N GLN A 54 6.39 -23.02 20.64
CA GLN A 54 7.40 -24.06 20.69
C GLN A 54 8.69 -23.62 20.01
N GLY A 55 8.54 -22.99 18.85
CA GLY A 55 9.70 -22.53 18.11
C GLY A 55 9.88 -23.24 16.79
N VAL A 56 9.48 -24.51 16.75
CA VAL A 56 9.59 -25.31 15.54
C VAL A 56 8.94 -24.61 14.35
N ARG A 57 7.84 -23.91 14.61
CA ARG A 57 7.12 -23.20 13.56
C ARG A 57 7.37 -21.70 13.66
N VAL A 58 7.10 -20.98 12.58
CA VAL A 58 7.29 -19.54 12.55
C VAL A 58 6.10 -18.84 11.91
N GLU A 59 5.78 -17.65 12.41
CA GLU A 59 4.65 -16.87 11.88
C GLU A 59 5.14 -15.62 11.18
N GLY A 60 4.21 -14.83 10.66
CA GLY A 60 4.57 -13.60 9.98
C GLY A 60 4.16 -12.36 10.76
N SER A 61 4.86 -11.25 10.50
CA SER A 61 4.58 -10.00 11.19
C SER A 61 3.56 -9.17 10.41
N SER A 62 2.78 -8.38 11.13
CA SER A 62 1.77 -7.53 10.50
C SER A 62 1.93 -6.08 10.94
N PRO A 63 2.61 -5.28 10.10
CA PRO A 63 2.85 -3.86 10.38
C PRO A 63 1.57 -3.03 10.29
N SER A 64 1.70 -1.73 10.53
CA SER A 64 0.56 -0.82 10.48
C SER A 64 0.65 0.11 9.29
N LEU A 65 -0.50 0.42 8.70
CA LEU A 65 -0.55 1.32 7.54
C LEU A 65 -1.25 2.63 7.89
N PHE A 66 -0.55 3.74 7.68
CA PHE A 66 -1.09 5.06 7.97
C PHE A 66 -1.54 5.76 6.69
N VAL A 67 -2.86 5.90 6.53
CA VAL A 67 -3.42 6.55 5.34
C VAL A 67 -4.61 7.42 5.71
N ARG A 68 -5.09 8.19 4.74
CA ARG A 68 -6.23 9.06 4.96
C ARG A 68 -7.49 8.49 4.32
N THR A 69 -8.63 8.66 4.99
CA THR A 69 -9.90 8.16 4.49
C THR A 69 -9.97 8.28 2.97
N ASP A 70 -10.07 9.52 2.48
CA ASP A 70 -10.14 9.76 1.04
C ASP A 70 -9.14 8.91 0.28
N GLU A 71 -7.88 8.94 0.73
CA GLU A 71 -6.83 8.17 0.10
C GLU A 71 -7.20 6.68 0.03
N VAL A 72 -7.79 6.19 1.12
CA VAL A 72 -8.19 4.79 1.19
C VAL A 72 -9.69 4.63 0.94
N ARG A 73 -10.29 5.67 0.37
CA ARG A 73 -11.73 5.65 0.08
C ARG A 73 -11.97 5.43 -1.41
N GLN A 74 -11.06 5.94 -2.23
CA GLN A 74 -11.18 5.79 -3.68
C GLN A 74 -11.09 4.32 -4.10
N LEU A 75 -10.46 3.52 -3.25
CA LEU A 75 -10.31 2.10 -3.53
C LEU A 75 -11.28 1.27 -2.69
N ARG A 76 -11.19 -0.05 -2.83
CA ARG A 76 -12.07 -0.95 -2.09
C ARG A 76 -11.38 -1.48 -0.84
N ARG A 77 -12.15 -1.70 0.22
CA ARG A 77 -11.60 -2.20 1.47
C ARG A 77 -10.76 -3.46 1.24
N GLY A 78 -9.82 -3.71 2.14
CA GLY A 78 -8.97 -4.88 2.02
C GLY A 78 -7.95 -4.73 0.90
N ASP A 79 -7.71 -3.49 0.48
CA ASP A 79 -6.75 -3.22 -0.59
C ASP A 79 -5.32 -3.32 -0.07
N THR A 80 -4.58 -4.29 -0.59
CA THR A 80 -3.20 -4.51 -0.18
C THR A 80 -2.24 -3.67 -1.03
N LEU A 81 -1.65 -2.64 -0.42
CA LEU A 81 -0.73 -1.77 -1.11
C LEU A 81 0.72 -2.18 -0.84
N THR A 82 1.52 -2.23 -1.90
CA THR A 82 2.92 -2.61 -1.77
C THR A 82 3.82 -1.39 -1.59
N ILE A 83 4.22 -1.13 -0.35
CA ILE A 83 5.07 0.02 -0.05
C ILE A 83 6.24 -0.38 0.86
N GLY A 84 7.45 0.01 0.46
CA GLY A 84 8.62 -0.32 1.24
C GLY A 84 8.98 -1.78 1.16
N GLU A 85 8.05 -2.65 1.52
CA GLU A 85 8.29 -4.09 1.48
C GLU A 85 7.46 -4.74 0.37
N GLU A 86 6.20 -5.02 0.67
CA GLU A 86 5.30 -5.64 -0.31
C GLU A 86 3.86 -5.23 -0.06
N ASN A 87 3.02 -5.43 -1.07
CA ASN A 87 1.60 -5.07 -0.96
C ASN A 87 0.99 -5.67 0.29
N PHE A 88 0.38 -4.83 1.12
CA PHE A 88 -0.26 -5.28 2.34
C PHE A 88 -1.66 -4.68 2.49
N TRP A 89 -2.66 -5.56 2.52
CA TRP A 89 -4.05 -5.12 2.66
C TRP A 89 -4.40 -4.85 4.12
N VAL A 90 -5.09 -3.74 4.36
CA VAL A 90 -5.49 -3.37 5.71
C VAL A 90 -6.88 -3.89 6.04
N ASP A 91 -7.06 -4.38 7.26
CA ASP A 91 -8.34 -4.91 7.70
C ASP A 91 -9.41 -3.81 7.69
N ARG A 92 -9.22 -2.80 8.52
CA ARG A 92 -10.17 -1.69 8.61
C ARG A 92 -9.50 -0.46 9.23
N VAL A 93 -9.55 0.66 8.50
CA VAL A 93 -8.96 1.91 8.97
C VAL A 93 -9.99 3.02 9.00
N SER A 94 -9.98 3.80 10.09
CA SER A 94 -10.92 4.90 10.24
C SER A 94 -10.21 6.13 10.78
N PRO A 95 -10.44 7.28 10.11
CA PRO A 95 -9.84 8.56 10.52
C PRO A 95 -10.40 9.09 11.82
N ASP A 96 -9.62 9.92 12.50
CA ASP A 96 -10.05 10.49 13.78
C ASP A 96 -10.14 12.02 13.68
N ASP A 97 -9.39 12.59 12.75
CA ASP A 97 -9.38 14.04 12.55
C ASP A 97 -8.44 14.42 11.41
N GLY A 98 -8.88 14.20 10.18
CA GLY A 98 -8.06 14.53 9.03
C GLY A 98 -7.42 13.31 8.40
N GLY A 99 -8.25 12.42 7.86
CA GLY A 99 -7.75 11.23 7.23
C GLY A 99 -6.54 10.65 7.96
N SER A 100 -6.79 10.02 9.10
CA SER A 100 -5.71 9.44 9.89
C SER A 100 -5.91 7.93 10.05
N CYS A 101 -6.92 7.40 9.37
CA CYS A 101 -7.22 5.98 9.43
C CYS A 101 -5.94 5.14 9.26
N HIS A 102 -5.76 4.16 10.14
CA HIS A 102 -4.60 3.29 10.08
C HIS A 102 -4.82 2.03 10.91
N LEU A 103 -4.54 0.88 10.30
CA LEU A 103 -4.72 -0.41 10.98
C LEU A 103 -3.68 -1.41 10.49
N TRP A 104 -3.41 -2.42 11.31
CA TRP A 104 -2.44 -3.45 10.97
C TRP A 104 -2.90 -4.25 9.75
N LEU A 105 -2.22 -4.07 8.64
CA LEU A 105 -2.56 -4.76 7.40
C LEU A 105 -1.83 -6.10 7.32
N GLY A 106 -2.31 -6.97 6.43
CA GLY A 106 -1.69 -8.29 6.27
C GLY A 106 -0.64 -8.29 5.19
N ARG A 107 0.23 -9.30 5.22
CA ARG A 107 1.29 -9.42 4.23
C ARG A 107 0.72 -9.73 2.85
N GLY A 108 1.50 -9.44 1.81
CA GLY A 108 1.06 -9.70 0.46
C GLY A 108 2.16 -9.49 -0.57
N VAL A 109 2.59 -10.58 -1.19
CA VAL A 109 3.65 -10.51 -2.19
C VAL A 109 3.07 -10.57 -3.60
N PRO A 110 3.56 -9.67 -4.49
CA PRO A 110 3.10 -9.61 -5.87
C PRO A 110 3.57 -10.81 -6.69
N PRO A 111 3.00 -10.96 -7.90
CA PRO A 111 3.35 -12.06 -8.80
C PRO A 111 4.75 -11.92 -9.38
N ALA A 112 5.38 -10.78 -9.12
CA ALA A 112 6.73 -10.53 -9.61
C ALA A 112 7.71 -11.53 -9.03
N VAL A 113 8.87 -11.65 -9.68
CA VAL A 113 9.91 -12.58 -9.23
C VAL A 113 10.92 -11.88 -8.32
N ASN A 114 11.15 -12.45 -7.15
CA ASN A 114 12.10 -11.88 -6.19
C ASN A 114 13.12 -12.92 -5.75
N ARG A 115 14.34 -12.48 -5.50
CA ARG A 115 15.41 -13.37 -5.07
C ARG A 115 15.35 -13.59 -3.55
N ARG A 116 14.84 -14.76 -3.15
CA ARG A 116 14.73 -15.08 -1.74
C ARG A 116 15.62 -16.28 -1.38
N ARG A 117 16.63 -16.03 -0.55
CA ARG A 117 17.56 -17.07 -0.14
C ARG A 117 18.58 -16.53 0.86
#